data_3AHE
#
_entry.id   3AHE
#
_cell.length_a   173.529
_cell.length_b   173.529
_cell.length_c   163.516
_cell.angle_alpha   90.00
_cell.angle_beta   90.00
_cell.angle_gamma   90.00
#
_symmetry.space_group_name_H-M   'I 4 2 2'
#
loop_
_entity.id
_entity.type
_entity.pdbx_description
1 polymer 'Xylulose 5-phosphate/fructose 6-phosphate phosphoketolase'
2 non-polymer 'MAGNESIUM ION'
3 non-polymer '2-[3-[(4-AMINO-2-METHYL-5-PYRIMIDINYL)METHYL]-2-(1,2-DIHYDROXYETHYL)-4-METHYL-1,3-THIAZOL-3-IUM-5-YL]ETHYL TRIHYDROGEN DIPHOSPHATE'
4 non-polymer 'SODIUM ION'
5 non-polymer 1,2-ETHANEDIOL
6 non-polymer 'NONAETHYLENE GLYCOL'
7 water water
#
_entity_poly.entity_id   1
_entity_poly.type   'polypeptide(L)'
_entity_poly.pdbx_seq_one_letter_code
;MGSSHHHHHHSSGLVPRGSHMTNPVIGTPWQKLDRPVSEEAIEGMDKYWRVTNYMSIGQIYLRSNPLMKEPFTRDDVKHR
LVGHWGTTPGLNFLLAHINRLIADHQQNTVFIMGPGHGGPAGTSQSYVDGTYTEYYPNITKDEAGLQKFFRQFSYPGGIP
SHFAPETPGSIHEGGELGYALSHAYGAVMNNPSLFVPCIIGDGEAETGPLATGWQSNKLVNPRTDGIVLPILHLNGYKIA
NPTILARISDEELHDFFRGMGYHPYEFVAGFDNEDHMSIHRRFAELFETIFDEICDIKAAAQTDDMTRPFYPMLIFRTPK
GWTCPKFIDGKKTEGSWRAHQVPLASARDTEEHFEVLKGWMESYKPEELFNADGSIKDDVTAFMPKGELRIGANPNANGG
VIREDLKLPELDQYEVTGVKEYGHGWGQVEAPRALGAYCRDIIKNNPDSFRIFGPDETASNRLNATYEVTDKQWDNGYLS
GLVDEHMAVTGQVTEQLSEHQCEGFLEAYLLTGRHGIWSSYESFVHVIDSMLNQHAKWLEATVREIPWRKPISSVNLLVS
SHVWRQDHNGFSHQDPGVTSLLINKTFNNDHVTNIYFATDANMLLAISEKCFKSTNKINAIFAGKQPAPTWVTLDEARAE
LEAGAAEWKWASNAENNDEVQVVLASAGDVPTQELMAASDALNKMGIKFKVVNVVDLLKLQSRENNDEALTDEEFTELFT
ADKPVLFAYHSYAQDVRGLIYDRPNHDNFHVVGYKEQGSTTTPFDMVRVNDMDRYALQAAALKLIDADKYADKIDELNAF
RKKAFQFAVDNGYDIPEFTDWVYPDVKVDETQMLSATAATAGDNE
;
_entity_poly.pdbx_strand_id   A
#
loop_
_chem_comp.id
_chem_comp.type
_chem_comp.name
_chem_comp.formula
2PE non-polymer 'NONAETHYLENE GLYCOL' 'C18 H38 O10'
EDO non-polymer 1,2-ETHANEDIOL 'C2 H6 O2'
MG non-polymer 'MAGNESIUM ION' 'Mg 2'
NA non-polymer 'SODIUM ION' 'Na 1'
THD non-polymer '2-[3-[(4-AMINO-2-METHYL-5-PYRIMIDINYL)METHYL]-2-(1,2-DIHYDROXYETHYL)-4-METHYL-1,3-THIAZOL-3-IUM-5-YL]ETHYL TRIHYDROGEN DIPHOSPHATE' 'C14 H22 N4 O9 P2 S'
#
# COMPACT_ATOMS: atom_id res chain seq x y z
N VAL A 25 5.88 -22.11 -15.21
CA VAL A 25 6.58 -20.99 -16.08
C VAL A 25 5.59 -20.39 -17.07
N ILE A 26 5.35 -19.08 -17.10
CA ILE A 26 4.39 -18.55 -18.10
C ILE A 26 5.17 -18.22 -19.43
N GLY A 27 4.80 -18.83 -20.55
CA GLY A 27 5.42 -18.45 -21.85
C GLY A 27 6.89 -18.81 -21.96
N THR A 28 7.67 -18.07 -22.74
CA THR A 28 9.06 -18.42 -22.95
C THR A 28 9.79 -17.09 -22.60
N PRO A 29 10.25 -16.93 -21.37
CA PRO A 29 10.71 -15.59 -20.94
C PRO A 29 12.01 -15.16 -21.69
N TRP A 30 12.11 -13.87 -22.00
CA TRP A 30 13.34 -13.23 -22.47
C TRP A 30 13.87 -13.82 -23.82
N GLN A 31 12.99 -14.02 -24.79
CA GLN A 31 13.37 -14.57 -26.09
C GLN A 31 13.28 -13.43 -27.13
N LYS A 32 14.31 -13.32 -27.95
CA LYS A 32 14.35 -12.35 -29.02
C LYS A 32 13.58 -12.92 -30.17
N LEU A 33 13.06 -12.05 -31.02
CA LEU A 33 12.48 -12.47 -32.31
C LEU A 33 13.48 -12.87 -33.40
N ASP A 34 14.57 -12.15 -33.64
CA ASP A 34 15.44 -12.56 -34.83
C ASP A 34 14.67 -12.65 -36.20
N ARG A 35 13.68 -11.77 -36.37
CA ARG A 35 13.05 -11.46 -37.65
C ARG A 35 12.39 -10.08 -37.49
N PRO A 36 12.12 -9.37 -38.60
CA PRO A 36 11.34 -8.16 -38.42
C PRO A 36 9.89 -8.47 -37.91
N VAL A 37 9.27 -7.51 -37.23
CA VAL A 37 7.84 -7.55 -36.97
C VAL A 37 7.08 -7.67 -38.28
N SER A 38 6.07 -8.53 -38.35
CA SER A 38 5.40 -8.77 -39.66
C SER A 38 4.50 -7.56 -40.01
N GLU A 39 4.25 -7.40 -41.30
CA GLU A 39 3.33 -6.38 -41.73
C GLU A 39 1.89 -6.68 -41.18
N GLU A 40 1.52 -7.94 -41.04
CA GLU A 40 0.21 -8.34 -40.48
C GLU A 40 0.13 -7.82 -39.02
N ALA A 41 1.22 -7.92 -38.23
CA ALA A 41 1.18 -7.41 -36.86
C ALA A 41 1.05 -5.89 -36.88
N ILE A 42 1.78 -5.21 -37.76
CA ILE A 42 1.55 -3.74 -37.94
C ILE A 42 0.09 -3.41 -38.23
N GLU A 43 -0.51 -4.06 -39.22
CA GLU A 43 -1.92 -3.83 -39.53
C GLU A 43 -2.86 -4.05 -38.32
N GLY A 44 -2.61 -5.12 -37.57
CA GLY A 44 -3.45 -5.46 -36.35
C GLY A 44 -3.27 -4.40 -35.25
N MET A 45 -2.04 -3.93 -35.04
CA MET A 45 -1.79 -2.87 -34.07
C MET A 45 -2.46 -1.57 -34.46
N ASP A 46 -2.50 -1.24 -35.74
CA ASP A 46 -3.16 -0.03 -36.08
C ASP A 46 -4.71 -0.17 -35.83
N LYS A 47 -5.28 -1.32 -36.17
CA LYS A 47 -6.67 -1.59 -35.90
C LYS A 47 -7.00 -1.59 -34.39
N TYR A 48 -6.12 -2.15 -33.55
CA TYR A 48 -6.27 -2.12 -32.13
C TYR A 48 -6.31 -0.66 -31.66
N TRP A 49 -5.37 0.13 -32.14
CA TRP A 49 -5.24 1.49 -31.70
C TRP A 49 -6.51 2.28 -32.07
N ARG A 50 -6.99 2.06 -33.28
CA ARG A 50 -8.18 2.77 -33.73
C ARG A 50 -9.43 2.30 -32.91
N VAL A 51 -9.53 0.98 -32.63
CA VAL A 51 -10.74 0.45 -32.03
C VAL A 51 -10.80 0.83 -30.51
N THR A 52 -9.66 0.80 -29.83
CA THR A 52 -9.57 1.23 -28.45
C THR A 52 -9.71 2.74 -28.29
N ASN A 53 -9.18 3.55 -29.22
CA ASN A 53 -9.50 4.96 -29.24
C ASN A 53 -11.00 5.15 -29.42
N TYR A 54 -11.59 4.49 -30.40
CA TYR A 54 -13.03 4.69 -30.68
C TYR A 54 -13.83 4.26 -29.44
N MET A 55 -13.48 3.14 -28.79
CA MET A 55 -14.32 2.69 -27.68
C MET A 55 -14.06 3.56 -26.40
N SER A 56 -12.93 4.22 -26.36
CA SER A 56 -12.60 5.09 -25.29
C SER A 56 -13.43 6.32 -25.42
N ILE A 57 -13.53 6.87 -26.64
CA ILE A 57 -14.44 8.02 -26.86
C ILE A 57 -15.90 7.57 -26.57
N GLY A 58 -16.25 6.38 -27.05
CA GLY A 58 -17.62 5.85 -26.76
C GLY A 58 -17.98 5.79 -25.28
N GLN A 59 -17.04 5.30 -24.46
CA GLN A 59 -17.20 5.20 -23.00
C GLN A 59 -17.40 6.54 -22.36
N ILE A 60 -16.61 7.51 -22.80
CA ILE A 60 -16.80 8.86 -22.30
C ILE A 60 -18.10 9.55 -22.76
N TYR A 61 -18.49 9.42 -24.03
CA TYR A 61 -19.51 10.32 -24.58
C TYR A 61 -20.86 9.67 -24.82
N LEU A 62 -20.93 8.36 -24.99
CA LEU A 62 -22.16 7.80 -25.57
C LEU A 62 -23.00 6.97 -24.62
N ARG A 63 -24.28 7.34 -24.51
CA ARG A 63 -25.21 6.57 -23.62
C ARG A 63 -25.95 5.49 -24.45
N SER A 64 -26.02 5.67 -25.78
CA SER A 64 -26.68 4.65 -26.61
C SER A 64 -26.08 4.80 -28.02
N ASN A 65 -26.35 3.82 -28.89
CA ASN A 65 -26.02 3.85 -30.28
C ASN A 65 -24.49 3.80 -30.51
N PRO A 66 -23.81 2.78 -30.00
CA PRO A 66 -22.38 2.82 -29.99
C PRO A 66 -21.73 2.79 -31.42
N LEU A 67 -22.48 2.35 -32.45
CA LEU A 67 -21.93 2.19 -33.80
C LEU A 67 -22.47 3.25 -34.69
N MET A 68 -23.15 4.22 -34.06
CA MET A 68 -23.54 5.42 -34.76
C MET A 68 -24.48 5.07 -35.90
N LYS A 69 -25.37 4.13 -35.64
CA LYS A 69 -26.36 3.74 -36.63
C LYS A 69 -27.41 4.84 -36.79
N GLU A 70 -27.80 5.07 -38.02
CA GLU A 70 -28.80 6.08 -38.36
C GLU A 70 -30.20 5.85 -37.63
N PRO A 71 -30.79 6.88 -36.95
CA PRO A 71 -30.25 8.24 -36.75
C PRO A 71 -29.27 8.31 -35.52
N PHE A 72 -28.11 8.91 -35.76
CA PHE A 72 -27.17 9.11 -34.67
C PHE A 72 -27.32 10.58 -34.32
N THR A 73 -27.72 10.89 -33.08
CA THR A 73 -28.06 12.27 -32.66
C THR A 73 -27.46 12.57 -31.30
N ARG A 74 -27.57 13.83 -30.95
CA ARG A 74 -27.29 14.33 -29.62
C ARG A 74 -28.04 13.59 -28.57
N ASP A 75 -29.16 12.96 -28.92
CA ASP A 75 -29.86 12.24 -27.87
C ASP A 75 -29.04 11.00 -27.46
N ASP A 76 -28.06 10.61 -28.28
CA ASP A 76 -27.20 9.45 -27.88
C ASP A 76 -26.00 9.79 -26.98
N VAL A 77 -25.78 11.08 -26.73
CA VAL A 77 -24.68 11.56 -25.88
C VAL A 77 -25.07 11.64 -24.39
N LYS A 78 -24.19 11.19 -23.49
CA LYS A 78 -24.35 11.37 -22.08
C LYS A 78 -24.66 12.81 -21.66
N HIS A 79 -25.62 12.90 -20.74
CA HIS A 79 -26.07 14.17 -20.14
C HIS A 79 -24.96 14.72 -19.21
N ARG A 80 -24.20 13.82 -18.57
CA ARG A 80 -23.03 14.20 -17.72
C ARG A 80 -21.66 13.71 -18.34
N LEU A 81 -20.95 14.55 -19.07
CA LEU A 81 -19.66 14.08 -19.69
C LEU A 81 -18.50 14.10 -18.67
N VAL A 82 -18.09 12.91 -18.22
CA VAL A 82 -17.02 12.78 -17.21
C VAL A 82 -15.97 11.77 -17.70
N GLY A 83 -14.67 12.07 -17.45
CA GLY A 83 -13.62 11.13 -17.76
C GLY A 83 -12.44 11.86 -18.31
N HIS A 84 -11.44 11.09 -18.85
CA HIS A 84 -10.15 11.75 -19.26
C HIS A 84 -9.72 11.23 -20.59
N TRP A 85 -9.85 12.07 -21.57
CA TRP A 85 -9.38 11.73 -22.92
C TRP A 85 -7.82 11.89 -23.05
N GLY A 86 -7.21 12.93 -22.49
CA GLY A 86 -5.85 13.32 -22.95
C GLY A 86 -4.81 12.20 -22.97
N THR A 87 -4.67 11.51 -21.83
CA THR A 87 -3.66 10.47 -21.72
C THR A 87 -3.98 9.24 -22.59
N THR A 88 -5.29 9.03 -22.82
CA THR A 88 -5.86 7.81 -23.25
C THR A 88 -5.35 7.28 -24.62
N PRO A 89 -5.32 8.14 -25.66
CA PRO A 89 -4.81 7.54 -26.91
C PRO A 89 -3.28 7.20 -26.86
N GLY A 90 -2.50 7.82 -25.98
CA GLY A 90 -1.10 7.42 -25.87
C GLY A 90 -1.04 6.08 -25.20
N LEU A 91 -1.86 5.85 -24.16
CA LEU A 91 -1.93 4.57 -23.55
C LEU A 91 -2.35 3.47 -24.52
N ASN A 92 -3.35 3.79 -25.35
CA ASN A 92 -3.93 2.81 -26.27
C ASN A 92 -2.86 2.42 -27.34
N PHE A 93 -2.06 3.40 -27.73
CA PHE A 93 -0.95 3.14 -28.69
C PHE A 93 0.10 2.20 -28.03
N LEU A 94 0.54 2.50 -26.82
CA LEU A 94 1.48 1.61 -26.11
C LEU A 94 0.94 0.25 -25.90
N LEU A 95 -0.35 0.18 -25.49
CA LEU A 95 -0.96 -1.10 -25.26
C LEU A 95 -1.03 -1.95 -26.56
N ALA A 96 -1.32 -1.32 -27.69
CA ALA A 96 -1.27 -2.12 -28.94
C ALA A 96 0.13 -2.75 -29.06
N HIS A 97 1.16 -1.93 -28.76
CA HIS A 97 2.50 -2.42 -29.02
C HIS A 97 2.98 -3.42 -27.97
N ILE A 98 2.51 -3.26 -26.72
CA ILE A 98 2.89 -4.17 -25.65
C ILE A 98 2.16 -5.52 -25.91
N ASN A 99 0.89 -5.46 -26.31
CA ASN A 99 0.17 -6.72 -26.68
C ASN A 99 0.92 -7.46 -27.82
N ARG A 100 1.31 -6.70 -28.84
CA ARG A 100 2.03 -7.33 -30.00
C ARG A 100 3.32 -7.96 -29.48
N LEU A 101 4.05 -7.26 -28.62
CA LEU A 101 5.26 -7.84 -27.98
C LEU A 101 5.04 -9.13 -27.17
N ILE A 102 4.01 -9.08 -26.32
CA ILE A 102 3.67 -10.22 -25.53
C ILE A 102 3.41 -11.42 -26.45
N ALA A 103 2.63 -11.23 -27.52
CA ALA A 103 2.25 -12.34 -28.41
C ALA A 103 3.50 -12.89 -29.15
N ASP A 104 4.25 -12.00 -29.76
CA ASP A 104 5.47 -12.42 -30.54
C ASP A 104 6.52 -13.11 -29.69
N HIS A 105 6.70 -12.62 -28.44
CA HIS A 105 7.77 -13.15 -27.58
C HIS A 105 7.30 -14.19 -26.58
N GLN A 106 5.98 -14.37 -26.53
CA GLN A 106 5.39 -15.18 -25.45
C GLN A 106 5.93 -14.72 -24.09
N GLN A 107 5.81 -13.43 -23.81
CA GLN A 107 6.48 -12.84 -22.67
C GLN A 107 5.47 -12.60 -21.55
N ASN A 108 5.73 -13.18 -20.38
CA ASN A 108 4.96 -13.01 -19.14
C ASN A 108 5.04 -11.49 -18.78
N THR A 109 3.93 -10.80 -18.82
CA THR A 109 3.94 -9.33 -18.77
C THR A 109 2.74 -8.79 -17.86
N VAL A 110 3.06 -7.86 -16.97
CA VAL A 110 2.04 -7.04 -16.29
C VAL A 110 2.45 -5.61 -16.56
N PHE A 111 1.55 -4.76 -17.05
CA PHE A 111 1.90 -3.34 -17.19
C PHE A 111 1.39 -2.49 -16.01
N ILE A 112 1.98 -1.31 -15.81
CA ILE A 112 1.45 -0.39 -14.83
C ILE A 112 0.87 0.83 -15.54
N MET A 113 -0.38 1.20 -15.23
CA MET A 113 -0.92 2.46 -15.83
C MET A 113 -0.74 3.63 -14.84
N GLY A 114 0.44 4.26 -14.84
CA GLY A 114 0.70 5.43 -13.98
C GLY A 114 -0.47 6.42 -14.06
N PRO A 115 -0.81 6.85 -15.26
CA PRO A 115 -1.96 7.75 -15.39
C PRO A 115 -3.27 6.98 -15.35
N GLY A 116 -3.64 6.52 -14.14
CA GLY A 116 -4.80 5.64 -14.02
C GLY A 116 -6.11 6.30 -14.32
N HIS A 117 -6.14 7.64 -14.45
CA HIS A 117 -7.29 8.28 -15.04
C HIS A 117 -7.49 7.92 -16.54
N GLY A 118 -6.50 7.23 -17.16
CA GLY A 118 -6.74 6.69 -18.54
C GLY A 118 -7.53 5.36 -18.49
N GLY A 119 -8.41 5.19 -17.48
CA GLY A 119 -9.23 3.98 -17.30
C GLY A 119 -9.84 3.43 -18.60
N PRO A 120 -10.40 4.26 -19.46
CA PRO A 120 -10.98 3.65 -20.66
C PRO A 120 -9.97 2.89 -21.55
N ALA A 121 -8.68 3.23 -21.43
CA ALA A 121 -7.68 2.50 -22.25
C ALA A 121 -7.55 1.12 -21.64
N GLY A 122 -7.79 1.07 -20.33
CA GLY A 122 -7.58 -0.19 -19.57
C GLY A 122 -8.79 -1.12 -19.68
N THR A 123 -9.98 -0.54 -19.61
CA THR A 123 -11.20 -1.31 -19.92
C THR A 123 -11.25 -1.76 -21.43
N SER A 124 -10.87 -0.85 -22.36
CA SER A 124 -10.83 -1.21 -23.78
C SER A 124 -9.89 -2.38 -24.02
N GLN A 125 -8.75 -2.36 -23.34
CA GLN A 125 -7.73 -3.46 -23.51
C GLN A 125 -8.42 -4.75 -23.10
N SER A 126 -9.07 -4.74 -21.93
CA SER A 126 -9.59 -6.03 -21.40
C SER A 126 -10.78 -6.54 -22.31
N TYR A 127 -11.60 -5.61 -22.80
CA TYR A 127 -12.65 -5.93 -23.72
C TYR A 127 -12.08 -6.53 -25.07
N VAL A 128 -11.03 -5.90 -25.59
CA VAL A 128 -10.36 -6.47 -26.81
C VAL A 128 -9.77 -7.85 -26.55
N ASP A 129 -9.09 -8.03 -25.41
CA ASP A 129 -8.48 -9.32 -25.14
C ASP A 129 -9.42 -10.43 -24.77
N GLY A 130 -10.69 -10.09 -24.50
CA GLY A 130 -11.67 -11.12 -24.19
C GLY A 130 -11.93 -11.32 -22.69
N THR A 131 -11.02 -10.86 -21.82
CA THR A 131 -11.17 -11.09 -20.37
C THR A 131 -12.38 -10.32 -19.82
N TYR A 132 -12.71 -9.16 -20.41
CA TYR A 132 -13.81 -8.38 -19.87
C TYR A 132 -15.14 -9.19 -19.92
N THR A 133 -15.40 -9.79 -21.08
CA THR A 133 -16.58 -10.62 -21.25
C THR A 133 -16.48 -11.87 -20.41
N GLU A 134 -15.29 -12.44 -20.28
CA GLU A 134 -15.13 -13.59 -19.40
C GLU A 134 -15.46 -13.26 -17.92
N TYR A 135 -15.10 -12.07 -17.45
CA TYR A 135 -15.35 -11.74 -16.06
C TYR A 135 -16.73 -11.14 -15.92
N TYR A 136 -17.21 -10.42 -16.94
CA TYR A 136 -18.50 -9.77 -16.92
C TYR A 136 -19.37 -10.27 -18.07
N PRO A 137 -19.96 -11.47 -17.91
CA PRO A 137 -20.72 -12.10 -18.99
C PRO A 137 -21.79 -11.25 -19.63
N ASN A 138 -22.30 -10.25 -18.91
CA ASN A 138 -23.34 -9.38 -19.49
C ASN A 138 -22.77 -8.35 -20.53
N ILE A 139 -21.47 -8.09 -20.44
CA ILE A 139 -20.88 -7.11 -21.36
C ILE A 139 -20.34 -7.94 -22.59
N THR A 140 -21.23 -8.18 -23.55
CA THR A 140 -21.02 -9.32 -24.46
C THR A 140 -20.26 -8.69 -25.65
N LYS A 141 -19.72 -9.52 -26.52
CA LYS A 141 -18.96 -9.07 -27.72
C LYS A 141 -19.81 -8.82 -28.94
N ASP A 142 -20.69 -7.81 -28.90
CA ASP A 142 -21.60 -7.54 -29.98
C ASP A 142 -22.22 -6.19 -29.73
N GLU A 143 -23.16 -5.74 -30.54
CA GLU A 143 -23.58 -4.36 -30.43
C GLU A 143 -24.26 -4.11 -29.06
N ALA A 144 -25.05 -5.11 -28.58
CA ALA A 144 -25.79 -4.90 -27.29
C ALA A 144 -24.75 -4.71 -26.17
N GLY A 145 -23.74 -5.58 -26.13
CA GLY A 145 -22.67 -5.48 -25.15
C GLY A 145 -21.86 -4.17 -25.18
N LEU A 146 -21.64 -3.66 -26.39
CA LEU A 146 -20.80 -2.51 -26.62
C LEU A 146 -21.64 -1.29 -26.15
N GLN A 147 -22.93 -1.34 -26.47
CA GLN A 147 -23.84 -0.33 -25.93
C GLN A 147 -23.72 -0.20 -24.42
N LYS A 148 -23.70 -1.35 -23.76
CA LYS A 148 -23.69 -1.34 -22.32
C LYS A 148 -22.32 -0.91 -21.85
N PHE A 149 -21.28 -1.32 -22.59
CA PHE A 149 -19.86 -1.03 -22.23
C PHE A 149 -19.65 0.48 -22.32
N PHE A 150 -20.20 1.14 -23.34
CA PHE A 150 -20.04 2.55 -23.41
C PHE A 150 -20.76 3.26 -22.22
N ARG A 151 -22.05 2.92 -22.00
CA ARG A 151 -22.85 3.69 -21.01
C ARG A 151 -22.25 3.53 -19.62
N GLN A 152 -21.85 2.34 -19.23
CA GLN A 152 -21.45 2.09 -17.89
C GLN A 152 -20.18 2.79 -17.34
N PHE A 153 -19.31 3.28 -18.24
CA PHE A 153 -18.07 3.95 -17.82
C PHE A 153 -18.35 5.26 -17.06
N SER A 154 -17.79 5.36 -15.85
CA SER A 154 -18.00 6.48 -14.84
C SER A 154 -19.45 6.90 -14.79
N TYR A 155 -20.32 5.93 -14.65
CA TYR A 155 -21.77 6.22 -14.76
C TYR A 155 -22.48 5.61 -13.54
N PRO A 156 -23.57 6.28 -13.04
CA PRO A 156 -24.17 5.69 -11.80
C PRO A 156 -24.60 4.25 -12.02
N GLY A 157 -24.25 3.37 -11.12
CA GLY A 157 -24.49 1.95 -11.26
C GLY A 157 -23.46 1.23 -12.13
N GLY A 158 -22.52 1.98 -12.76
CA GLY A 158 -21.61 1.37 -13.70
C GLY A 158 -20.24 1.17 -13.08
N ILE A 159 -19.20 1.70 -13.76
CA ILE A 159 -17.83 1.28 -13.33
C ILE A 159 -17.00 2.56 -13.10
N PRO A 160 -15.86 2.44 -12.45
CA PRO A 160 -15.10 3.65 -12.17
C PRO A 160 -14.46 4.38 -13.41
N SER A 161 -13.99 5.61 -13.21
CA SER A 161 -13.30 6.42 -14.29
C SER A 161 -11.82 6.01 -14.45
N HIS A 162 -11.27 5.28 -13.45
CA HIS A 162 -9.84 4.92 -13.36
C HIS A 162 -9.62 3.42 -13.57
N PHE A 163 -8.36 3.03 -13.70
CA PHE A 163 -8.00 1.62 -13.89
C PHE A 163 -8.21 0.85 -12.57
N ALA A 164 -9.48 0.78 -12.12
CA ALA A 164 -9.80 0.30 -10.75
C ALA A 164 -9.52 -1.17 -10.62
N PRO A 165 -9.51 -1.69 -9.38
CA PRO A 165 -9.36 -3.16 -9.19
C PRO A 165 -10.35 -4.09 -9.87
N GLU A 166 -11.50 -3.62 -10.20
CA GLU A 166 -12.44 -4.47 -10.88
C GLU A 166 -12.15 -4.59 -12.45
N THR A 167 -11.10 -3.94 -12.95
CA THR A 167 -10.63 -4.13 -14.34
C THR A 167 -9.60 -5.25 -14.39
N PRO A 168 -9.87 -6.30 -15.19
CA PRO A 168 -8.87 -7.39 -15.30
C PRO A 168 -7.57 -6.76 -15.88
N GLY A 169 -6.40 -7.13 -15.38
CA GLY A 169 -5.12 -6.50 -15.81
C GLY A 169 -4.55 -5.42 -14.91
N SER A 170 -5.37 -4.98 -13.92
CA SER A 170 -4.94 -3.93 -12.99
C SER A 170 -4.40 -4.46 -11.71
N ILE A 171 -3.17 -4.04 -11.36
CA ILE A 171 -2.71 -4.14 -9.98
C ILE A 171 -2.43 -2.75 -9.40
N HIS A 172 -2.95 -1.71 -10.05
CA HIS A 172 -2.50 -0.32 -9.79
C HIS A 172 -3.49 0.61 -10.41
N GLU A 173 -4.28 1.25 -9.54
CA GLU A 173 -5.33 2.16 -10.03
C GLU A 173 -4.88 3.51 -10.59
N GLY A 174 -3.84 4.08 -10.00
CA GLY A 174 -3.27 5.36 -10.44
C GLY A 174 -4.18 6.55 -10.28
N GLY A 175 -5.03 6.57 -9.22
CA GLY A 175 -5.89 7.76 -8.94
C GLY A 175 -4.99 8.78 -8.25
N GLU A 176 -4.28 8.35 -7.23
CA GLU A 176 -3.34 9.19 -6.50
C GLU A 176 -1.97 8.86 -7.17
N LEU A 177 -1.43 9.82 -7.88
CA LEU A 177 -0.18 9.63 -8.69
C LEU A 177 1.05 9.48 -7.81
N GLY A 178 2.03 8.65 -8.26
CA GLY A 178 3.35 8.75 -7.70
C GLY A 178 3.94 7.38 -7.47
N TYR A 179 3.10 6.32 -7.48
CA TYR A 179 3.55 5.00 -7.01
C TYR A 179 3.75 4.04 -8.17
N ALA A 180 3.76 4.58 -9.40
CA ALA A 180 3.92 3.68 -10.56
C ALA A 180 5.12 2.81 -10.47
N LEU A 181 6.27 3.41 -10.08
CA LEU A 181 7.58 2.74 -10.20
C LEU A 181 7.79 1.85 -9.00
N SER A 182 7.42 2.28 -7.77
CA SER A 182 7.61 1.30 -6.64
C SER A 182 6.73 0.07 -6.88
N HIS A 183 5.50 0.24 -7.34
CA HIS A 183 4.70 -0.96 -7.66
C HIS A 183 5.34 -1.85 -8.76
N ALA A 184 5.83 -1.19 -9.84
CA ALA A 184 6.52 -1.96 -10.97
C ALA A 184 7.66 -2.76 -10.40
N TYR A 185 8.50 -2.11 -9.58
CA TYR A 185 9.69 -2.81 -9.06
C TYR A 185 9.34 -3.86 -8.05
N GLY A 186 8.32 -3.57 -7.21
CA GLY A 186 7.91 -4.58 -6.24
C GLY A 186 7.39 -5.82 -6.97
N ALA A 187 6.66 -5.59 -8.05
CA ALA A 187 6.11 -6.70 -8.85
C ALA A 187 7.15 -7.64 -9.43
N VAL A 188 8.35 -7.13 -9.81
CA VAL A 188 9.33 -8.00 -10.42
C VAL A 188 10.24 -8.60 -9.35
N MET A 189 10.15 -8.18 -8.07
CA MET A 189 11.01 -8.84 -7.05
C MET A 189 10.75 -10.30 -6.96
N ASN A 190 11.82 -11.09 -6.85
CA ASN A 190 11.75 -12.57 -6.91
C ASN A 190 10.82 -13.09 -8.02
N ASN A 191 10.62 -12.28 -9.09
CA ASN A 191 9.73 -12.73 -10.13
C ASN A 191 10.58 -12.75 -11.45
N PRO A 192 11.58 -13.67 -11.59
CA PRO A 192 12.59 -13.41 -12.67
C PRO A 192 12.05 -13.54 -14.09
N SER A 193 10.85 -14.12 -14.27
CA SER A 193 10.31 -14.33 -15.61
C SER A 193 9.41 -13.17 -16.03
N LEU A 194 9.16 -12.20 -15.12
CA LEU A 194 8.10 -11.19 -15.36
C LEU A 194 8.64 -9.91 -15.93
N PHE A 195 7.98 -9.40 -16.95
CA PHE A 195 8.36 -8.15 -17.61
C PHE A 195 7.33 -7.11 -17.19
N VAL A 196 7.76 -5.93 -16.71
CA VAL A 196 6.80 -4.89 -16.39
C VAL A 196 7.05 -3.57 -17.14
N PRO A 197 6.38 -3.39 -18.29
CA PRO A 197 6.44 -2.01 -18.85
C PRO A 197 5.64 -1.11 -17.90
N CYS A 198 6.29 -0.10 -17.34
CA CYS A 198 5.66 0.83 -16.41
C CYS A 198 5.41 2.21 -17.04
N ILE A 199 4.15 2.52 -17.36
CA ILE A 199 3.80 3.75 -18.03
C ILE A 199 3.60 4.87 -17.00
N ILE A 200 4.44 5.91 -17.10
CA ILE A 200 4.54 6.94 -16.07
C ILE A 200 4.06 8.32 -16.64
N GLY A 201 3.12 9.00 -15.97
CA GLY A 201 2.65 10.35 -16.43
C GLY A 201 3.82 11.31 -16.28
N ASP A 202 3.92 12.23 -17.19
CA ASP A 202 5.02 13.17 -17.03
C ASP A 202 4.71 14.20 -15.94
N GLY A 203 3.42 14.37 -15.60
CA GLY A 203 3.03 15.18 -14.42
C GLY A 203 3.28 14.32 -13.20
N GLU A 204 2.90 13.05 -13.27
CA GLU A 204 3.24 12.13 -12.20
C GLU A 204 4.71 12.18 -11.83
N ALA A 205 5.61 12.24 -12.84
CA ALA A 205 7.02 12.29 -12.57
C ALA A 205 7.48 13.52 -11.77
N GLU A 206 6.70 14.58 -11.73
CA GLU A 206 6.95 15.72 -10.79
C GLU A 206 6.70 15.41 -9.31
N THR A 207 6.12 14.25 -8.97
CA THR A 207 5.85 13.94 -7.52
C THR A 207 7.12 13.45 -6.87
N GLY A 208 7.19 13.64 -5.56
CA GLY A 208 8.25 13.01 -4.76
C GLY A 208 8.42 11.50 -4.94
N PRO A 209 7.36 10.76 -4.69
CA PRO A 209 7.47 9.31 -4.70
C PRO A 209 7.95 8.79 -6.08
N LEU A 210 7.41 9.34 -7.16
CA LEU A 210 7.84 8.89 -8.48
C LEU A 210 9.35 9.24 -8.68
N ALA A 211 9.74 10.49 -8.40
CA ALA A 211 11.15 10.89 -8.55
C ALA A 211 12.13 9.95 -7.83
N THR A 212 11.77 9.44 -6.67
CA THR A 212 12.72 8.50 -6.01
C THR A 212 12.58 7.07 -6.58
N GLY A 213 11.38 6.77 -7.12
CA GLY A 213 11.05 5.46 -7.70
C GLY A 213 12.03 5.05 -8.79
N TRP A 214 12.61 6.08 -9.49
CA TRP A 214 13.56 5.77 -10.58
C TRP A 214 14.75 4.98 -10.06
N GLN A 215 15.13 5.23 -8.82
CA GLN A 215 16.39 4.67 -8.26
C GLN A 215 16.30 3.20 -7.85
N SER A 216 15.09 2.62 -7.95
CA SER A 216 14.90 1.22 -7.55
C SER A 216 15.80 0.24 -8.32
N ASN A 217 16.41 0.65 -9.46
CA ASN A 217 17.19 -0.31 -10.25
C ASN A 217 18.50 -0.56 -9.55
N LYS A 218 18.82 0.19 -8.48
CA LYS A 218 19.96 -0.21 -7.62
C LYS A 218 19.63 -1.27 -6.59
N LEU A 219 18.33 -1.67 -6.53
CA LEU A 219 17.84 -2.57 -5.47
C LEU A 219 17.27 -3.91 -6.00
N VAL A 220 17.35 -4.15 -7.30
CA VAL A 220 16.86 -5.40 -7.91
C VAL A 220 18.06 -6.11 -8.58
N ASN A 221 17.95 -7.41 -8.75
CA ASN A 221 19.02 -8.14 -9.32
C ASN A 221 18.49 -8.68 -10.64
N PRO A 222 19.27 -8.53 -11.74
CA PRO A 222 18.71 -8.96 -13.04
C PRO A 222 18.68 -10.49 -13.21
N ARG A 223 19.35 -11.30 -12.32
CA ARG A 223 19.21 -12.76 -12.44
C ARG A 223 17.97 -13.18 -11.61
N THR A 224 17.88 -12.75 -10.35
CA THR A 224 16.75 -13.25 -9.45
C THR A 224 15.46 -12.49 -9.48
N ASP A 225 15.49 -11.27 -10.01
CA ASP A 225 14.27 -10.47 -10.13
C ASP A 225 13.90 -10.35 -11.60
N GLY A 226 12.67 -9.86 -11.91
CA GLY A 226 12.34 -9.66 -13.35
C GLY A 226 12.79 -8.28 -13.79
N ILE A 227 12.15 -7.73 -14.81
CA ILE A 227 12.66 -6.52 -15.43
C ILE A 227 11.56 -5.47 -15.53
N VAL A 228 11.83 -4.28 -15.03
CA VAL A 228 10.90 -3.10 -15.34
C VAL A 228 11.42 -2.31 -16.53
N LEU A 229 10.51 -1.94 -17.44
CA LEU A 229 10.78 -0.98 -18.47
C LEU A 229 9.96 0.30 -18.19
N PRO A 230 10.65 1.33 -17.65
CA PRO A 230 9.95 2.57 -17.41
C PRO A 230 9.65 3.13 -18.76
N ILE A 231 8.40 3.54 -18.96
CA ILE A 231 8.06 4.29 -20.19
C ILE A 231 7.48 5.63 -19.75
N LEU A 232 8.23 6.69 -20.04
CA LEU A 232 7.78 8.00 -19.66
C LEU A 232 6.76 8.48 -20.70
N HIS A 233 5.52 8.68 -20.25
CA HIS A 233 4.42 9.11 -21.15
C HIS A 233 4.58 10.63 -21.31
N LEU A 234 5.60 11.01 -22.11
CA LEU A 234 5.94 12.44 -22.17
C LEU A 234 4.98 13.17 -23.11
N ASN A 235 3.71 13.37 -22.71
CA ASN A 235 2.75 14.02 -23.64
C ASN A 235 2.75 15.57 -23.53
N GLY A 236 3.68 16.09 -22.74
CA GLY A 236 3.96 17.51 -22.76
C GLY A 236 3.28 18.29 -21.62
N TYR A 237 2.24 17.69 -21.00
CA TYR A 237 1.28 18.44 -20.20
C TYR A 237 0.76 17.60 -19.03
N LYS A 238 0.28 18.30 -18.01
CA LYS A 238 -0.51 17.72 -16.93
C LYS A 238 -1.92 18.34 -17.09
N ILE A 239 -2.59 18.75 -16.00
CA ILE A 239 -3.94 19.22 -16.17
C ILE A 239 -4.00 20.57 -16.84
N ALA A 240 -3.18 21.51 -16.39
CA ALA A 240 -3.35 22.91 -16.84
C ALA A 240 -1.98 23.54 -16.96
N ASN A 241 -0.93 22.74 -17.18
CA ASN A 241 0.42 23.28 -17.27
C ASN A 241 1.22 22.33 -18.16
N PRO A 242 2.36 22.80 -18.73
CA PRO A 242 3.29 21.82 -19.32
C PRO A 242 3.94 21.10 -18.19
N THR A 243 4.70 20.04 -18.45
CA THR A 243 5.47 19.36 -17.42
C THR A 243 6.97 19.72 -17.45
N ILE A 244 7.59 19.58 -16.29
CA ILE A 244 8.98 19.83 -16.14
C ILE A 244 9.81 19.04 -17.15
N LEU A 245 9.64 17.69 -17.18
CA LEU A 245 10.41 16.83 -18.06
C LEU A 245 10.23 17.10 -19.58
N ALA A 246 9.06 17.61 -20.00
CA ALA A 246 8.81 17.81 -21.39
C ALA A 246 9.47 19.11 -21.86
N ARG A 247 9.78 20.02 -20.95
CA ARG A 247 10.24 21.36 -21.40
C ARG A 247 11.72 21.58 -21.07
N ILE A 248 12.42 20.67 -20.34
CA ILE A 248 13.85 20.87 -20.18
C ILE A 248 14.51 20.51 -21.56
N SER A 249 15.82 20.72 -21.73
CA SER A 249 16.45 20.36 -23.02
C SER A 249 16.59 18.84 -23.15
N ASP A 250 16.70 18.38 -24.40
CA ASP A 250 16.77 16.94 -24.61
C ASP A 250 18.04 16.32 -23.98
N GLU A 251 19.09 17.11 -23.97
CA GLU A 251 20.31 16.68 -23.41
C GLU A 251 20.22 16.51 -21.86
N GLU A 252 19.53 17.43 -21.22
CA GLU A 252 19.29 17.28 -19.76
C GLU A 252 18.43 16.04 -19.51
N LEU A 253 17.40 15.83 -20.33
CA LEU A 253 16.51 14.67 -20.08
C LEU A 253 17.30 13.34 -20.20
N HIS A 254 18.17 13.24 -21.23
CA HIS A 254 18.94 12.06 -21.42
C HIS A 254 19.95 11.91 -20.32
N ASP A 255 20.63 12.98 -19.94
CA ASP A 255 21.62 12.85 -18.84
C ASP A 255 20.92 12.42 -17.54
N PHE A 256 19.73 12.96 -17.32
CA PHE A 256 18.94 12.60 -16.11
C PHE A 256 18.77 11.05 -16.00
N PHE A 257 18.22 10.41 -17.03
CA PHE A 257 17.91 8.97 -16.98
C PHE A 257 19.19 8.16 -17.00
N ARG A 258 20.18 8.58 -17.81
CA ARG A 258 21.47 7.92 -17.72
C ARG A 258 22.07 8.05 -16.33
N GLY A 259 21.91 9.18 -15.68
CA GLY A 259 22.53 9.36 -14.37
C GLY A 259 21.81 8.54 -13.31
N MET A 260 20.59 8.13 -13.61
CA MET A 260 19.88 7.18 -12.69
C MET A 260 20.03 5.71 -13.14
N GLY A 261 20.90 5.45 -14.13
CA GLY A 261 21.37 4.06 -14.31
C GLY A 261 20.54 3.41 -15.40
N TYR A 262 19.91 4.23 -16.26
CA TYR A 262 19.17 3.67 -17.40
C TYR A 262 19.89 3.98 -18.69
N HIS A 263 19.60 3.17 -19.73
CA HIS A 263 19.91 3.55 -21.12
C HIS A 263 18.66 4.17 -21.80
N PRO A 264 18.68 5.50 -22.03
CA PRO A 264 17.46 6.13 -22.50
C PRO A 264 17.29 5.98 -23.97
N TYR A 265 16.10 5.62 -24.41
CA TYR A 265 15.77 5.61 -25.83
C TYR A 265 14.62 6.61 -25.93
N GLU A 266 14.42 7.25 -27.05
CA GLU A 266 13.41 8.27 -27.13
C GLU A 266 12.64 8.02 -28.40
N PHE A 267 11.31 8.01 -28.33
CA PHE A 267 10.48 7.96 -29.52
C PHE A 267 9.66 9.25 -29.62
N VAL A 268 9.59 9.83 -30.81
CA VAL A 268 8.79 11.08 -31.07
C VAL A 268 7.86 10.81 -32.26
N ALA A 269 6.55 11.00 -32.07
CA ALA A 269 5.56 10.76 -33.15
C ALA A 269 4.35 11.61 -32.98
N GLY A 270 3.64 11.86 -34.08
CA GLY A 270 2.33 12.51 -34.00
C GLY A 270 2.41 14.03 -34.10
N PHE A 271 3.61 14.63 -34.12
CA PHE A 271 3.74 16.09 -34.26
C PHE A 271 3.81 16.54 -35.73
N ASP A 272 3.80 15.65 -36.70
CA ASP A 272 3.91 16.05 -38.08
C ASP A 272 2.91 15.24 -38.86
N ASN A 273 3.13 15.07 -40.16
CA ASN A 273 2.12 14.44 -40.97
C ASN A 273 2.49 12.97 -41.21
N GLU A 274 3.43 12.42 -40.45
CA GLU A 274 3.81 11.02 -40.68
C GLU A 274 2.51 10.12 -40.62
N ASP A 275 2.33 9.18 -41.56
CA ASP A 275 1.12 8.37 -41.56
C ASP A 275 1.23 7.36 -40.40
N HIS A 276 0.07 6.89 -39.93
CA HIS A 276 0.07 6.07 -38.73
C HIS A 276 0.75 4.72 -38.89
N MET A 277 0.54 4.07 -40.05
CA MET A 277 1.28 2.83 -40.35
C MET A 277 2.80 3.01 -40.22
N SER A 278 3.38 4.13 -40.72
CA SER A 278 4.84 4.33 -40.55
C SER A 278 5.22 4.49 -39.13
N ILE A 279 4.35 5.15 -38.37
CA ILE A 279 4.59 5.36 -36.94
C ILE A 279 4.69 3.99 -36.24
N HIS A 280 3.72 3.10 -36.51
CA HIS A 280 3.73 1.76 -35.93
C HIS A 280 4.94 0.96 -36.35
N ARG A 281 5.39 1.08 -37.62
CA ARG A 281 6.58 0.28 -37.97
C ARG A 281 7.82 0.78 -37.25
N ARG A 282 7.97 2.13 -37.15
CA ARG A 282 9.15 2.70 -36.46
C ARG A 282 9.10 2.36 -35.00
N PHE A 283 7.90 2.43 -34.39
CA PHE A 283 7.84 2.11 -32.93
C PHE A 283 8.17 0.66 -32.70
N ALA A 284 7.65 -0.22 -33.53
CA ALA A 284 7.79 -1.66 -33.31
C ALA A 284 9.27 -2.03 -33.42
N GLU A 285 9.92 -1.44 -34.43
CA GLU A 285 11.35 -1.62 -34.57
C GLU A 285 12.14 -1.11 -33.35
N LEU A 286 11.82 0.08 -32.87
CA LEU A 286 12.45 0.57 -31.66
C LEU A 286 12.20 -0.35 -30.46
N PHE A 287 10.95 -0.78 -30.32
CA PHE A 287 10.57 -1.61 -29.16
C PHE A 287 11.27 -2.98 -29.24
N GLU A 288 11.48 -3.51 -30.47
CA GLU A 288 12.27 -4.75 -30.61
C GLU A 288 13.75 -4.52 -30.16
N THR A 289 14.33 -3.37 -30.54
CA THR A 289 15.71 -3.05 -30.11
C THR A 289 15.76 -2.98 -28.58
N ILE A 290 14.78 -2.30 -28.04
CA ILE A 290 14.73 -2.22 -26.52
C ILE A 290 14.63 -3.61 -25.91
N PHE A 291 13.70 -4.43 -26.40
CA PHE A 291 13.54 -5.77 -25.84
C PHE A 291 14.70 -6.65 -26.05
N ASP A 292 15.37 -6.53 -27.21
CA ASP A 292 16.59 -7.30 -27.46
C ASP A 292 17.60 -6.98 -26.39
N GLU A 293 17.67 -5.69 -26.02
CA GLU A 293 18.65 -5.32 -25.02
C GLU A 293 18.30 -5.86 -23.63
N ILE A 294 17.00 -5.88 -23.30
CA ILE A 294 16.52 -6.56 -22.06
C ILE A 294 16.88 -8.07 -22.05
N CYS A 295 16.61 -8.75 -23.15
CA CYS A 295 17.02 -10.14 -23.33
C CYS A 295 18.50 -10.29 -23.19
N ASP A 296 19.35 -9.39 -23.78
CA ASP A 296 20.81 -9.49 -23.55
C ASP A 296 21.20 -9.35 -22.05
N ILE A 297 20.55 -8.40 -21.39
CA ILE A 297 20.79 -8.21 -19.96
C ILE A 297 20.37 -9.46 -19.20
N LYS A 298 19.18 -10.00 -19.51
CA LYS A 298 18.79 -11.27 -18.86
C LYS A 298 19.73 -12.44 -19.11
N ALA A 299 20.15 -12.62 -20.35
CA ALA A 299 21.13 -13.68 -20.63
C ALA A 299 22.42 -13.41 -19.91
N ALA A 300 22.97 -12.21 -20.02
CA ALA A 300 24.26 -11.94 -19.34
C ALA A 300 24.17 -12.20 -17.82
N ALA A 301 23.01 -11.90 -17.21
CA ALA A 301 22.86 -11.98 -15.77
C ALA A 301 22.89 -13.44 -15.27
N GLN A 302 22.72 -14.44 -16.14
CA GLN A 302 22.88 -15.86 -15.70
C GLN A 302 24.36 -16.17 -15.34
N THR A 303 25.28 -15.39 -15.89
CA THR A 303 26.70 -15.59 -15.65
C THR A 303 27.27 -14.50 -14.75
N ASP A 304 26.88 -13.25 -14.98
CA ASP A 304 27.43 -12.13 -14.18
C ASP A 304 26.21 -11.50 -13.53
N ASP A 305 25.94 -11.83 -12.29
CA ASP A 305 24.76 -11.26 -11.66
C ASP A 305 25.18 -10.16 -10.69
N MET A 306 26.48 -9.77 -10.74
CA MET A 306 26.98 -8.70 -9.88
C MET A 306 27.11 -7.33 -10.61
N THR A 307 27.34 -7.33 -11.91
CA THR A 307 27.42 -6.05 -12.62
C THR A 307 26.03 -5.47 -12.85
N ARG A 308 25.76 -4.28 -12.32
CA ARG A 308 24.47 -3.65 -12.51
C ARG A 308 24.40 -3.18 -13.97
N PRO A 309 23.39 -3.63 -14.76
CA PRO A 309 23.37 -3.14 -16.18
C PRO A 309 22.71 -1.75 -16.24
N PHE A 310 22.89 -1.03 -17.33
CA PHE A 310 22.05 0.16 -17.60
C PHE A 310 20.72 -0.33 -18.22
N TYR A 311 19.62 -0.46 -17.46
CA TYR A 311 18.38 -0.99 -18.01
C TYR A 311 17.84 0.05 -18.99
N PRO A 312 17.30 -0.37 -20.11
CA PRO A 312 16.57 0.59 -20.97
C PRO A 312 15.45 1.32 -20.24
N MET A 313 15.22 2.58 -20.63
CA MET A 313 13.93 3.20 -20.38
C MET A 313 13.53 3.87 -21.66
N LEU A 314 12.23 4.17 -21.80
CA LEU A 314 11.71 4.75 -23.00
C LEU A 314 11.12 6.12 -22.72
N ILE A 315 11.61 7.14 -23.42
CA ILE A 315 10.99 8.45 -23.41
C ILE A 315 10.01 8.43 -24.57
N PHE A 316 8.72 8.53 -24.30
CA PHE A 316 7.72 8.36 -25.36
C PHE A 316 7.05 9.69 -25.52
N ARG A 317 7.42 10.45 -26.56
CA ARG A 317 6.97 11.82 -26.72
C ARG A 317 5.94 11.95 -27.86
N THR A 318 4.68 12.15 -27.51
CA THR A 318 3.56 12.21 -28.46
C THR A 318 2.56 13.32 -27.96
N PRO A 319 1.67 13.81 -28.81
CA PRO A 319 0.85 14.97 -28.39
C PRO A 319 -0.27 14.49 -27.44
N LYS A 320 -0.45 15.22 -26.35
CA LYS A 320 -1.56 14.95 -25.46
C LYS A 320 -2.85 14.96 -26.23
N GLY A 321 -3.63 13.91 -26.08
CA GLY A 321 -4.97 13.90 -26.73
C GLY A 321 -4.86 13.43 -28.16
N TRP A 322 -3.64 13.01 -28.55
CA TRP A 322 -3.31 12.45 -29.89
C TRP A 322 -4.53 11.84 -30.67
N THR A 323 -4.84 12.46 -31.81
CA THR A 323 -5.91 12.09 -32.79
C THR A 323 -7.25 12.76 -32.55
N CYS A 324 -7.38 13.51 -31.45
CA CYS A 324 -8.58 14.28 -31.21
C CYS A 324 -8.55 15.55 -32.15
N PRO A 325 -9.68 16.29 -32.28
CA PRO A 325 -9.63 17.51 -33.14
C PRO A 325 -8.50 18.47 -32.69
N LYS A 326 -7.80 19.02 -33.65
CA LYS A 326 -6.65 19.89 -33.34
C LYS A 326 -7.05 21.17 -32.63
N PHE A 327 -8.09 21.84 -33.12
CA PHE A 327 -8.61 23.05 -32.47
C PHE A 327 -10.10 22.86 -32.20
N ILE A 328 -10.60 23.43 -31.10
CA ILE A 328 -12.01 23.33 -30.79
C ILE A 328 -12.34 24.70 -30.30
N ASP A 329 -13.30 25.36 -30.99
CA ASP A 329 -13.69 26.77 -30.64
C ASP A 329 -12.47 27.68 -30.65
N GLY A 330 -11.60 27.49 -31.65
CA GLY A 330 -10.39 28.32 -31.79
C GLY A 330 -9.28 27.99 -30.77
N LYS A 331 -9.48 27.02 -29.86
CA LYS A 331 -8.45 26.61 -28.86
C LYS A 331 -7.67 25.30 -29.24
N LYS A 332 -6.33 25.37 -29.24
CA LYS A 332 -5.51 24.18 -29.48
C LYS A 332 -5.85 23.16 -28.43
N THR A 333 -6.29 21.97 -28.87
CA THR A 333 -6.70 20.89 -27.99
C THR A 333 -5.76 19.69 -28.14
N GLU A 334 -5.67 19.01 -29.29
CA GLU A 334 -4.64 17.98 -29.44
C GLU A 334 -3.24 18.67 -29.18
N GLY A 335 -2.30 18.06 -28.43
CA GLY A 335 -1.02 18.71 -28.14
C GLY A 335 -1.18 19.87 -27.12
N SER A 336 -2.15 19.74 -26.18
CA SER A 336 -2.31 20.71 -25.16
C SER A 336 -2.82 20.07 -23.88
N TRP A 337 -2.61 20.74 -22.74
CA TRP A 337 -3.34 20.48 -21.47
C TRP A 337 -4.87 20.55 -21.65
N ARG A 338 -5.38 21.28 -22.65
CA ARG A 338 -6.81 21.37 -22.83
C ARG A 338 -7.39 20.01 -23.16
N ALA A 339 -6.57 19.06 -23.66
CA ALA A 339 -7.06 17.69 -23.98
C ALA A 339 -7.20 16.82 -22.74
N HIS A 340 -6.85 17.35 -21.56
CA HIS A 340 -6.73 16.52 -20.34
C HIS A 340 -8.01 15.74 -19.94
N GLN A 341 -9.11 16.45 -19.92
CA GLN A 341 -10.31 15.87 -19.32
C GLN A 341 -11.32 15.55 -20.42
N VAL A 342 -12.36 16.37 -20.59
CA VAL A 342 -13.37 16.15 -21.62
C VAL A 342 -13.42 17.29 -22.62
N PRO A 343 -12.86 17.07 -23.81
CA PRO A 343 -13.07 17.96 -24.94
C PRO A 343 -14.56 17.95 -25.39
N LEU A 344 -14.98 19.05 -26.02
CA LEU A 344 -16.31 19.15 -26.55
C LEU A 344 -17.36 18.88 -25.47
N ALA A 345 -17.23 19.59 -24.37
CA ALA A 345 -18.06 19.38 -23.19
C ALA A 345 -19.53 19.64 -23.52
N SER A 346 -19.79 20.38 -24.60
CA SER A 346 -21.16 20.64 -25.10
C SER A 346 -21.72 19.64 -26.15
N ALA A 347 -21.10 18.46 -26.27
CA ALA A 347 -21.46 17.49 -27.36
C ALA A 347 -22.96 17.14 -27.35
N ARG A 348 -23.55 17.08 -26.16
CA ARG A 348 -25.02 16.86 -26.08
C ARG A 348 -25.88 18.12 -26.39
N ASP A 349 -25.35 19.32 -26.16
CA ASP A 349 -26.16 20.56 -26.10
C ASP A 349 -26.15 21.44 -27.33
N THR A 350 -25.15 21.32 -28.20
CA THR A 350 -25.12 22.17 -29.38
C THR A 350 -24.83 21.25 -30.53
N GLU A 351 -25.41 21.56 -31.67
CA GLU A 351 -25.20 20.74 -32.82
C GLU A 351 -23.75 20.96 -33.28
N GLU A 352 -23.16 22.12 -32.97
CA GLU A 352 -21.78 22.43 -33.36
C GLU A 352 -20.84 21.43 -32.67
N HIS A 353 -20.97 21.25 -31.36
CA HIS A 353 -20.10 20.28 -30.73
C HIS A 353 -20.41 18.85 -31.12
N PHE A 354 -21.69 18.56 -31.35
CA PHE A 354 -22.07 17.22 -31.74
C PHE A 354 -21.42 16.82 -33.08
N GLU A 355 -21.43 17.74 -34.03
CA GLU A 355 -20.86 17.47 -35.37
C GLU A 355 -19.33 17.15 -35.29
N VAL A 356 -18.63 17.91 -34.48
CA VAL A 356 -17.22 17.66 -34.21
C VAL A 356 -17.06 16.28 -33.61
N LEU A 357 -17.88 15.91 -32.63
CA LEU A 357 -17.74 14.57 -32.03
C LEU A 357 -17.99 13.49 -33.07
N LYS A 358 -19.01 13.72 -33.90
CA LYS A 358 -19.39 12.75 -34.91
C LYS A 358 -18.23 12.55 -35.91
N GLY A 359 -17.64 13.62 -36.42
CA GLY A 359 -16.49 13.51 -37.34
C GLY A 359 -15.28 12.87 -36.65
N TRP A 360 -15.08 13.14 -35.36
CA TRP A 360 -13.97 12.57 -34.61
C TRP A 360 -14.16 11.02 -34.49
N MET A 361 -15.33 10.58 -34.02
CA MET A 361 -15.59 9.14 -33.94
C MET A 361 -15.49 8.49 -35.32
N GLU A 362 -15.98 9.17 -36.38
CA GLU A 362 -15.89 8.59 -37.74
C GLU A 362 -14.43 8.47 -38.25
N SER A 363 -13.51 9.30 -37.71
CA SER A 363 -12.14 9.33 -38.30
C SER A 363 -11.48 7.96 -38.02
N TYR A 364 -12.01 7.16 -37.10
CA TYR A 364 -11.34 5.86 -36.78
C TYR A 364 -11.83 4.75 -37.70
N LYS A 365 -12.82 5.12 -38.52
CA LYS A 365 -13.47 4.21 -39.46
C LYS A 365 -13.99 2.91 -38.83
N PRO A 366 -14.91 3.06 -37.86
CA PRO A 366 -15.44 1.92 -37.14
C PRO A 366 -16.04 0.86 -38.06
N GLU A 367 -16.57 1.25 -39.23
CA GLU A 367 -17.13 0.27 -40.20
C GLU A 367 -16.04 -0.75 -40.65
N GLU A 368 -14.74 -0.45 -40.43
CA GLU A 368 -13.73 -1.42 -40.79
C GLU A 368 -13.33 -2.27 -39.62
N LEU A 369 -13.72 -1.85 -38.42
CA LEU A 369 -13.28 -2.49 -37.21
C LEU A 369 -14.28 -3.45 -36.57
N PHE A 370 -15.58 -3.23 -36.80
CA PHE A 370 -16.66 -4.06 -36.23
C PHE A 370 -17.43 -4.77 -37.31
N ASN A 371 -17.77 -6.07 -37.09
CA ASN A 371 -18.70 -6.76 -37.96
C ASN A 371 -20.10 -6.11 -37.84
N ALA A 372 -21.04 -6.48 -38.70
CA ALA A 372 -22.38 -5.85 -38.70
C ALA A 372 -23.08 -6.23 -37.36
N ASP A 373 -22.73 -7.37 -36.73
CA ASP A 373 -23.36 -7.71 -35.47
C ASP A 373 -22.73 -6.93 -34.30
N GLY A 374 -21.76 -6.04 -34.63
CA GLY A 374 -21.06 -5.18 -33.67
C GLY A 374 -19.95 -5.94 -32.92
N SER A 375 -19.60 -7.18 -33.30
CA SER A 375 -18.42 -7.86 -32.68
C SER A 375 -17.14 -7.24 -33.35
N ILE A 376 -16.06 -7.15 -32.57
CA ILE A 376 -14.80 -6.66 -33.12
C ILE A 376 -14.28 -7.72 -34.11
N LYS A 377 -13.98 -7.28 -35.32
CA LYS A 377 -13.50 -8.20 -36.39
C LYS A 377 -12.29 -9.00 -35.98
N ASP A 378 -12.13 -10.22 -36.53
CA ASP A 378 -11.05 -11.11 -36.19
C ASP A 378 -9.70 -10.54 -36.60
N ASP A 379 -9.66 -9.74 -37.66
CA ASP A 379 -8.39 -9.19 -38.06
C ASP A 379 -7.94 -7.96 -37.24
N VAL A 380 -8.78 -7.50 -36.32
CA VAL A 380 -8.36 -6.56 -35.31
C VAL A 380 -7.57 -7.28 -34.20
N THR A 381 -7.83 -8.55 -33.97
CA THR A 381 -7.25 -9.24 -32.83
C THR A 381 -6.36 -10.45 -33.09
N ALA A 382 -6.17 -10.85 -34.35
CA ALA A 382 -5.35 -11.98 -34.68
C ALA A 382 -3.92 -11.77 -34.12
N PHE A 383 -3.45 -10.51 -34.01
CA PHE A 383 -2.05 -10.33 -33.46
C PHE A 383 -1.93 -10.50 -31.93
N MET A 384 -3.07 -10.61 -31.23
CA MET A 384 -3.12 -10.53 -29.76
C MET A 384 -2.57 -11.78 -29.08
N PRO A 385 -2.03 -11.61 -27.89
CA PRO A 385 -1.70 -12.75 -27.08
C PRO A 385 -2.99 -13.49 -26.68
N LYS A 386 -2.84 -14.76 -26.28
CA LYS A 386 -3.97 -15.58 -25.91
C LYS A 386 -3.77 -16.23 -24.52
N GLY A 387 -4.86 -16.78 -23.96
CA GLY A 387 -4.76 -17.52 -22.68
C GLY A 387 -4.13 -16.64 -21.61
N GLU A 388 -3.30 -17.21 -20.75
CA GLU A 388 -2.83 -16.49 -19.56
C GLU A 388 -1.78 -15.43 -19.85
N LEU A 389 -1.31 -15.30 -21.12
CA LEU A 389 -0.35 -14.23 -21.47
C LEU A 389 -1.11 -12.93 -21.73
N ARG A 390 -2.44 -13.02 -21.88
CA ARG A 390 -3.24 -11.81 -22.09
C ARG A 390 -3.07 -10.93 -20.87
N ILE A 391 -3.04 -9.61 -21.07
CA ILE A 391 -2.82 -8.67 -20.00
C ILE A 391 -3.94 -8.83 -18.93
N GLY A 392 -5.18 -9.05 -19.38
CA GLY A 392 -6.32 -9.21 -18.44
C GLY A 392 -6.26 -10.54 -17.67
N ALA A 393 -5.58 -11.53 -18.23
CA ALA A 393 -5.70 -12.91 -17.68
C ALA A 393 -4.49 -13.27 -16.90
N ASN A 394 -3.42 -12.50 -17.01
CA ASN A 394 -2.18 -12.96 -16.42
C ASN A 394 -2.40 -13.07 -14.89
N PRO A 395 -1.92 -14.17 -14.28
CA PRO A 395 -2.26 -14.37 -12.89
C PRO A 395 -1.45 -13.41 -11.99
N ASN A 396 -0.34 -12.86 -12.49
CA ASN A 396 0.36 -11.90 -11.69
C ASN A 396 -0.48 -10.63 -11.53
N ALA A 397 -1.44 -10.41 -12.39
CA ALA A 397 -2.26 -9.22 -12.25
C ALA A 397 -3.52 -9.54 -11.35
N ASN A 398 -3.52 -10.75 -10.79
CA ASN A 398 -4.58 -11.26 -9.87
C ASN A 398 -3.89 -12.22 -8.91
N GLY A 399 -2.88 -11.73 -8.20
CA GLY A 399 -1.92 -12.58 -7.51
C GLY A 399 -2.42 -13.58 -6.45
N GLY A 400 -3.60 -13.31 -5.89
CA GLY A 400 -4.22 -14.28 -5.00
C GLY A 400 -4.48 -15.63 -5.69
N VAL A 401 -4.59 -15.64 -7.04
CA VAL A 401 -4.65 -16.89 -7.80
C VAL A 401 -3.34 -17.70 -7.71
N ILE A 402 -2.19 -17.04 -7.55
CA ILE A 402 -0.90 -17.67 -7.43
C ILE A 402 -0.51 -17.84 -5.97
N ARG A 403 -0.92 -16.92 -5.10
CA ARG A 403 -0.50 -16.96 -3.66
C ARG A 403 -0.68 -18.33 -3.00
N GLU A 404 0.28 -18.79 -2.21
CA GLU A 404 0.12 -20.01 -1.33
C GLU A 404 0.41 -19.60 0.09
N ASP A 405 -0.13 -20.36 1.06
CA ASP A 405 0.02 -19.97 2.45
C ASP A 405 1.49 -20.08 2.76
N LEU A 406 1.97 -19.29 3.72
CA LEU A 406 3.37 -19.40 4.08
C LEU A 406 3.53 -20.72 4.82
N LYS A 407 4.69 -21.37 4.68
CA LYS A 407 5.05 -22.45 5.59
C LYS A 407 5.61 -21.79 6.84
N LEU A 408 4.77 -21.70 7.87
CA LEU A 408 5.17 -20.98 9.12
C LEU A 408 5.87 -21.90 10.12
N PRO A 409 7.01 -21.51 10.70
CA PRO A 409 7.47 -22.37 11.80
C PRO A 409 6.52 -22.32 13.06
N GLU A 410 6.62 -23.34 13.92
CA GLU A 410 5.81 -23.41 15.15
C GLU A 410 6.11 -22.20 16.02
N LEU A 411 5.10 -21.51 16.48
CA LEU A 411 5.34 -20.30 17.28
C LEU A 411 6.06 -20.55 18.61
N ASP A 412 5.71 -21.69 19.26
CA ASP A 412 6.18 -21.99 20.64
C ASP A 412 7.65 -21.84 20.81
N GLN A 413 8.42 -22.24 19.82
CA GLN A 413 9.86 -22.15 20.00
C GLN A 413 10.35 -20.68 20.18
N TYR A 414 9.54 -19.66 19.90
CA TYR A 414 10.02 -18.29 20.07
C TYR A 414 9.58 -17.71 21.45
N GLU A 415 8.74 -18.45 22.18
CA GLU A 415 8.08 -17.87 23.37
C GLU A 415 9.13 -17.28 24.34
N VAL A 416 8.85 -16.10 24.90
CA VAL A 416 9.65 -15.63 26.06
C VAL A 416 9.10 -16.42 27.27
N THR A 417 9.88 -17.44 27.71
CA THR A 417 9.37 -18.38 28.75
C THR A 417 9.62 -17.85 30.17
N GLY A 418 10.42 -16.79 30.28
CA GLY A 418 10.64 -16.07 31.54
C GLY A 418 9.39 -15.83 32.37
N VAL A 419 8.28 -15.47 31.74
CA VAL A 419 7.00 -15.26 32.41
C VAL A 419 6.49 -16.53 33.16
N LYS A 420 6.58 -17.70 32.52
CA LYS A 420 6.19 -18.98 33.13
C LYS A 420 7.12 -19.39 34.24
N GLU A 421 8.42 -19.22 34.05
CA GLU A 421 9.40 -19.68 35.02
C GLU A 421 9.56 -18.73 36.20
N TYR A 422 9.53 -17.42 35.96
CA TYR A 422 9.89 -16.42 36.97
C TYR A 422 8.75 -15.53 37.40
N GLY A 423 7.73 -15.36 36.59
CA GLY A 423 6.59 -14.49 36.93
C GLY A 423 6.21 -13.44 35.88
N HIS A 424 4.98 -12.96 35.92
CA HIS A 424 4.52 -11.84 35.11
C HIS A 424 5.32 -10.54 35.41
N GLY A 425 5.82 -9.85 34.37
CA GLY A 425 6.71 -8.67 34.50
C GLY A 425 8.20 -8.96 34.45
N TRP A 426 8.55 -10.20 34.18
CA TRP A 426 9.94 -10.58 34.16
C TRP A 426 10.72 -9.90 32.98
N GLY A 427 11.99 -9.60 33.26
CA GLY A 427 13.05 -9.47 32.29
C GLY A 427 13.13 -8.12 31.60
N GLN A 428 14.06 -8.07 30.63
CA GLN A 428 14.44 -6.84 29.91
C GLN A 428 14.43 -7.09 28.40
N VAL A 429 13.48 -7.89 27.95
CA VAL A 429 13.48 -8.34 26.55
C VAL A 429 13.21 -7.16 25.57
N GLU A 430 13.91 -7.12 24.40
CA GLU A 430 13.53 -6.11 23.35
C GLU A 430 12.58 -6.84 22.44
N ALA A 431 11.29 -6.51 22.50
CA ALA A 431 10.24 -7.38 21.93
C ALA A 431 10.39 -7.78 20.43
N PRO A 432 10.80 -6.83 19.55
CA PRO A 432 10.80 -7.20 18.09
C PRO A 432 11.84 -8.26 17.81
N ARG A 433 12.79 -8.47 18.73
CA ARG A 433 13.77 -9.52 18.47
C ARG A 433 13.18 -10.94 18.38
N ALA A 434 12.08 -11.18 19.10
CA ALA A 434 11.37 -12.47 18.95
C ALA A 434 10.71 -12.48 17.55
N LEU A 435 10.17 -11.35 17.08
CA LEU A 435 9.64 -11.31 15.70
C LEU A 435 10.78 -11.47 14.64
N GLY A 436 11.93 -10.92 14.92
CA GLY A 436 13.10 -11.13 14.06
C GLY A 436 13.45 -12.62 13.86
N ALA A 437 13.44 -13.38 14.96
CA ALA A 437 13.83 -14.80 14.94
C ALA A 437 12.72 -15.55 14.19
N TYR A 438 11.47 -15.17 14.42
CA TYR A 438 10.35 -15.78 13.73
C TYR A 438 10.45 -15.47 12.18
N CYS A 439 10.78 -14.24 11.85
CA CYS A 439 10.86 -13.82 10.45
C CYS A 439 12.02 -14.50 9.80
N ARG A 440 13.11 -14.68 10.55
CA ARG A 440 14.28 -15.41 10.08
C ARG A 440 13.86 -16.81 9.57
N ASP A 441 13.03 -17.48 10.37
CA ASP A 441 12.71 -18.85 10.05
C ASP A 441 11.59 -18.90 8.99
N ILE A 442 10.80 -17.83 8.91
CA ILE A 442 9.84 -17.75 7.81
C ILE A 442 10.59 -17.62 6.46
N ILE A 443 11.62 -16.80 6.42
CA ILE A 443 12.43 -16.61 5.18
C ILE A 443 13.09 -17.98 4.84
N LYS A 444 13.70 -18.61 5.82
CA LYS A 444 14.28 -19.91 5.59
C LYS A 444 13.29 -20.96 4.98
N ASN A 445 12.04 -20.98 5.43
CA ASN A 445 11.08 -21.95 4.95
C ASN A 445 10.46 -21.45 3.66
N ASN A 446 10.51 -20.15 3.42
CA ASN A 446 9.86 -19.61 2.24
C ASN A 446 10.89 -18.72 1.51
N PRO A 447 11.97 -19.32 0.96
CA PRO A 447 13.18 -18.50 0.61
C PRO A 447 13.05 -17.49 -0.52
N ASP A 448 11.94 -17.48 -1.25
CA ASP A 448 11.79 -16.48 -2.33
C ASP A 448 10.43 -15.86 -2.47
N SER A 449 9.63 -15.94 -1.40
CA SER A 449 8.32 -15.32 -1.49
C SER A 449 7.94 -14.59 -0.21
N PHE A 450 8.90 -14.32 0.67
CA PHE A 450 8.65 -13.49 1.89
C PHE A 450 9.81 -12.48 1.99
N ARG A 451 9.52 -11.19 1.90
CA ARG A 451 10.59 -10.19 1.91
C ARG A 451 10.37 -9.25 3.07
N ILE A 452 11.47 -8.70 3.56
CA ILE A 452 11.38 -7.60 4.59
C ILE A 452 11.90 -6.31 3.95
N PHE A 453 11.13 -5.24 4.16
CA PHE A 453 11.49 -3.91 3.78
C PHE A 453 11.69 -3.03 4.99
N GLY A 454 12.66 -2.12 4.89
CA GLY A 454 12.89 -1.12 5.94
C GLY A 454 13.50 0.15 5.36
N PRO A 455 13.07 1.32 5.91
CA PRO A 455 13.69 2.54 5.46
C PRO A 455 15.02 2.82 6.22
N ASP A 456 16.00 1.92 6.04
CA ASP A 456 17.31 2.04 6.70
C ASP A 456 17.06 1.82 8.24
N GLU A 457 16.04 0.99 8.59
CA GLU A 457 15.60 0.86 10.02
C GLU A 457 15.41 -0.61 10.46
N THR A 458 15.64 -1.58 9.57
CA THR A 458 15.47 -2.97 9.93
C THR A 458 16.31 -3.35 11.18
N ALA A 459 17.61 -2.99 11.19
CA ALA A 459 18.43 -3.24 12.39
C ALA A 459 17.97 -2.36 13.57
N SER A 460 17.63 -1.10 13.30
CA SER A 460 17.25 -0.19 14.43
C SER A 460 15.95 -0.69 15.16
N ASN A 461 15.08 -1.30 14.37
CA ASN A 461 13.80 -1.87 14.85
C ASN A 461 13.93 -3.30 15.30
N ARG A 462 15.16 -3.77 15.34
CA ARG A 462 15.53 -5.07 15.96
C ARG A 462 15.03 -6.33 15.20
N LEU A 463 14.93 -6.25 13.85
CA LEU A 463 14.57 -7.40 12.98
C LEU A 463 15.79 -8.02 12.31
N ASN A 464 16.97 -7.63 12.77
CA ASN A 464 18.20 -8.05 12.16
C ASN A 464 18.59 -9.51 12.41
N ALA A 465 17.81 -10.28 13.22
CA ALA A 465 18.13 -11.77 13.24
C ALA A 465 17.90 -12.39 11.83
N THR A 466 17.09 -11.75 11.01
CA THR A 466 16.87 -12.19 9.63
C THR A 466 18.15 -12.30 8.81
N TYR A 467 19.19 -11.54 9.18
CA TYR A 467 20.45 -11.51 8.40
C TYR A 467 21.22 -12.81 8.65
N GLU A 468 20.79 -13.60 9.65
CA GLU A 468 21.34 -14.94 9.85
C GLU A 468 21.06 -15.85 8.64
N VAL A 469 20.00 -15.60 7.86
CA VAL A 469 19.67 -16.46 6.73
C VAL A 469 19.61 -15.80 5.38
N THR A 470 19.69 -14.48 5.34
CA THR A 470 19.65 -13.78 4.06
C THR A 470 20.40 -12.43 4.15
N ASP A 471 20.38 -11.63 3.08
CA ASP A 471 21.20 -10.42 3.11
C ASP A 471 20.27 -9.30 2.72
N LYS A 472 20.67 -8.08 3.03
CA LYS A 472 20.02 -6.94 2.44
C LYS A 472 20.50 -6.94 0.98
N GLN A 473 19.54 -6.89 0.05
CA GLN A 473 19.86 -6.95 -1.35
C GLN A 473 20.30 -5.56 -1.83
N TRP A 474 21.49 -5.48 -2.41
CA TRP A 474 22.04 -4.18 -2.81
C TRP A 474 22.75 -4.44 -4.13
N ASP A 475 22.29 -3.76 -5.20
CA ASP A 475 22.83 -3.99 -6.54
C ASP A 475 23.45 -2.68 -7.01
N ASN A 476 24.51 -2.29 -6.31
CA ASN A 476 25.12 -1.00 -6.47
C ASN A 476 26.52 -1.20 -5.93
N GLY A 477 27.34 -0.16 -5.87
CA GLY A 477 28.75 -0.49 -5.62
C GLY A 477 29.01 -1.02 -4.20
N TYR A 478 30.00 -1.91 -4.08
CA TYR A 478 30.60 -2.44 -2.83
C TYR A 478 32.01 -1.84 -2.65
N LEU A 479 32.51 -1.79 -1.42
CA LEU A 479 33.79 -1.16 -1.10
C LEU A 479 34.69 -2.10 -0.29
N SER A 480 34.14 -2.79 0.71
CA SER A 480 34.99 -3.44 1.70
C SER A 480 34.16 -4.20 2.68
N GLY A 481 34.61 -5.44 2.99
CA GLY A 481 34.05 -6.22 4.14
C GLY A 481 34.12 -5.46 5.46
N LEU A 482 34.97 -4.43 5.58
CA LEU A 482 35.01 -3.63 6.79
C LEU A 482 33.74 -2.84 7.03
N VAL A 483 32.96 -2.61 5.95
CA VAL A 483 31.79 -1.75 5.99
C VAL A 483 30.53 -2.40 5.43
N ASP A 484 30.71 -3.31 4.46
CA ASP A 484 29.57 -3.96 3.78
C ASP A 484 29.36 -5.24 4.60
N GLU A 485 28.24 -5.38 5.26
CA GLU A 485 28.05 -6.55 6.13
C GLU A 485 26.62 -6.95 5.87
N HIS A 486 26.36 -8.23 5.77
CA HIS A 486 24.96 -8.68 5.62
C HIS A 486 24.27 -8.06 4.41
N MET A 487 25.03 -7.89 3.32
CA MET A 487 24.49 -7.20 2.17
C MET A 487 25.05 -7.93 0.92
N ALA A 488 24.24 -8.25 -0.09
CA ALA A 488 24.74 -9.01 -1.25
C ALA A 488 23.94 -8.62 -2.44
N VAL A 489 24.33 -8.98 -3.68
CA VAL A 489 23.53 -8.51 -4.82
C VAL A 489 22.17 -9.23 -4.86
N THR A 490 22.03 -10.39 -4.18
CA THR A 490 20.68 -10.95 -4.04
C THR A 490 20.37 -11.18 -2.56
N GLY A 491 19.09 -11.12 -2.20
CA GLY A 491 18.71 -11.39 -0.80
C GLY A 491 17.24 -10.99 -0.61
N GLN A 492 16.73 -11.28 0.58
CA GLN A 492 15.27 -11.05 0.82
C GLN A 492 14.94 -9.83 1.71
N VAL A 493 15.94 -9.03 2.10
CA VAL A 493 15.67 -7.80 2.80
C VAL A 493 16.01 -6.70 1.77
N THR A 494 15.19 -5.65 1.75
CA THR A 494 15.38 -4.49 0.92
C THR A 494 15.30 -3.24 1.83
N GLU A 495 16.33 -2.36 1.78
CA GLU A 495 16.30 -1.07 2.43
C GLU A 495 16.60 0.13 1.53
N GLN A 496 15.81 1.17 1.71
CA GLN A 496 16.08 2.49 1.04
C GLN A 496 15.48 3.50 1.98
N LEU A 497 16.16 4.64 2.13
CA LEU A 497 15.73 5.64 3.10
C LEU A 497 14.52 6.35 2.42
N SER A 498 13.37 5.65 2.35
CA SER A 498 12.12 6.14 1.66
C SER A 498 10.92 5.25 2.08
N GLU A 499 10.06 5.78 2.91
CA GLU A 499 8.88 5.01 3.31
C GLU A 499 8.03 4.75 2.08
N HIS A 500 7.96 5.72 1.13
CA HIS A 500 7.23 5.47 -0.13
C HIS A 500 7.69 4.21 -0.90
N GLN A 501 9.02 4.02 -1.01
CA GLN A 501 9.62 2.83 -1.65
C GLN A 501 9.25 1.59 -0.86
N CYS A 502 9.41 1.62 0.48
CA CYS A 502 9.15 0.39 1.26
C CYS A 502 7.67 -0.06 1.07
N GLU A 503 6.77 0.88 1.25
CA GLU A 503 5.33 0.63 1.21
C GLU A 503 4.91 0.26 -0.24
N GLY A 504 5.47 0.93 -1.27
CA GLY A 504 5.12 0.63 -2.68
C GLY A 504 5.65 -0.76 -3.11
N PHE A 505 6.94 -1.05 -2.82
CA PHE A 505 7.52 -2.33 -3.16
C PHE A 505 6.64 -3.47 -2.57
N LEU A 506 6.37 -3.33 -1.26
CA LEU A 506 5.61 -4.35 -0.51
C LEU A 506 4.20 -4.49 -1.14
N GLU A 507 3.50 -3.40 -1.37
CA GLU A 507 2.16 -3.57 -1.91
C GLU A 507 2.12 -4.47 -3.15
N ALA A 508 2.97 -4.15 -4.16
CA ALA A 508 2.99 -4.90 -5.41
C ALA A 508 3.52 -6.30 -5.15
N TYR A 509 4.44 -6.47 -4.20
CA TYR A 509 4.92 -7.82 -3.93
C TYR A 509 3.69 -8.67 -3.45
N LEU A 510 2.76 -8.05 -2.70
CA LEU A 510 1.57 -8.81 -2.19
C LEU A 510 0.57 -8.97 -3.30
N LEU A 511 0.41 -7.93 -4.10
CA LEU A 511 -0.56 -7.96 -5.21
C LEU A 511 -0.25 -9.03 -6.27
N THR A 512 1.03 -9.39 -6.43
CA THR A 512 1.46 -10.45 -7.33
C THR A 512 1.52 -11.82 -6.56
N GLY A 513 1.02 -11.87 -5.32
CA GLY A 513 0.82 -13.18 -4.67
C GLY A 513 1.86 -13.64 -3.70
N ARG A 514 2.71 -12.73 -3.22
CA ARG A 514 3.73 -13.13 -2.24
C ARG A 514 3.43 -12.53 -0.86
N HIS A 515 4.43 -12.42 0.02
CA HIS A 515 4.21 -12.13 1.47
C HIS A 515 5.37 -11.27 1.99
N GLY A 516 5.16 -10.55 3.11
CA GLY A 516 6.32 -10.00 3.79
C GLY A 516 5.89 -9.10 4.91
N ILE A 517 6.82 -8.24 5.34
CA ILE A 517 6.55 -7.29 6.37
C ILE A 517 7.47 -6.10 6.17
N TRP A 518 7.07 -4.91 6.63
CA TRP A 518 8.10 -3.88 6.80
C TRP A 518 8.02 -3.25 8.19
N SER A 519 9.01 -2.44 8.53
CA SER A 519 9.02 -1.75 9.82
C SER A 519 9.33 -0.30 9.59
N SER A 520 8.78 0.56 10.45
CA SER A 520 9.09 2.01 10.41
C SER A 520 9.03 2.60 11.81
N TYR A 521 9.96 3.53 12.11
CA TYR A 521 9.77 4.53 13.19
C TYR A 521 8.36 4.99 13.09
N GLU A 522 7.66 4.96 14.22
CA GLU A 522 6.22 5.23 14.22
C GLU A 522 5.87 6.61 13.67
N SER A 523 6.63 7.66 14.08
CA SER A 523 6.25 9.02 13.68
C SER A 523 6.31 9.19 12.15
N PHE A 524 7.26 8.46 11.54
CA PHE A 524 7.49 8.50 10.07
C PHE A 524 6.58 7.60 9.25
N VAL A 525 5.73 6.81 9.94
CA VAL A 525 4.74 6.07 9.19
C VAL A 525 3.90 7.06 8.46
N HIS A 526 3.70 8.24 9.04
CA HIS A 526 2.80 9.22 8.42
C HIS A 526 3.23 9.64 7.02
N VAL A 527 4.56 9.57 6.72
CA VAL A 527 5.00 9.84 5.31
C VAL A 527 4.10 9.07 4.35
N ILE A 528 3.76 7.83 4.69
CA ILE A 528 2.90 7.09 3.77
C ILE A 528 1.44 6.88 4.18
N ASP A 529 0.92 7.74 5.07
CA ASP A 529 -0.52 7.78 5.35
C ASP A 529 -1.38 7.64 4.07
N SER A 530 -1.08 8.45 3.05
CA SER A 530 -1.97 8.47 1.87
C SER A 530 -1.79 7.16 1.05
N MET A 531 -0.64 6.48 1.11
CA MET A 531 -0.49 5.15 0.45
C MET A 531 -1.38 4.12 1.17
N LEU A 532 -1.38 4.17 2.51
CA LEU A 532 -2.27 3.30 3.31
C LEU A 532 -3.72 3.57 2.91
N ASN A 533 -4.10 4.86 2.78
CA ASN A 533 -5.46 5.17 2.34
C ASN A 533 -5.84 4.46 1.02
N GLN A 534 -4.97 4.55 0.01
CA GLN A 534 -5.23 3.93 -1.29
C GLN A 534 -5.24 2.40 -1.25
N HIS A 535 -4.26 1.78 -0.59
CA HIS A 535 -4.27 0.36 -0.52
C HIS A 535 -5.56 -0.15 0.27
N ALA A 536 -5.98 0.58 1.32
CA ALA A 536 -7.21 0.21 2.05
C ALA A 536 -8.36 0.38 1.10
N LYS A 537 -8.42 1.45 0.29
CA LYS A 537 -9.55 1.55 -0.63
C LYS A 537 -9.54 0.45 -1.70
N TRP A 538 -8.33 0.01 -2.07
CA TRP A 538 -8.22 -1.09 -3.05
C TRP A 538 -8.89 -2.36 -2.40
N LEU A 539 -8.51 -2.60 -1.16
CA LEU A 539 -9.06 -3.68 -0.38
C LEU A 539 -10.57 -3.56 -0.17
N GLU A 540 -11.06 -2.35 0.15
CA GLU A 540 -12.48 -2.13 0.35
C GLU A 540 -13.27 -2.56 -0.88
N ALA A 541 -12.84 -2.11 -2.06
CA ALA A 541 -13.58 -2.40 -3.28
C ALA A 541 -13.53 -3.90 -3.55
N THR A 542 -12.40 -4.52 -3.26
CA THR A 542 -12.19 -5.92 -3.60
C THR A 542 -13.11 -6.83 -2.75
N VAL A 543 -13.03 -6.64 -1.41
CA VAL A 543 -13.84 -7.48 -0.52
C VAL A 543 -15.31 -7.17 -0.71
N ARG A 544 -15.69 -5.96 -1.15
CA ARG A 544 -17.09 -5.70 -1.35
C ARG A 544 -17.68 -6.30 -2.63
N GLU A 545 -16.96 -6.30 -3.76
CA GLU A 545 -17.66 -6.51 -5.01
C GLU A 545 -16.83 -7.07 -6.15
N ILE A 546 -15.65 -7.61 -5.89
CA ILE A 546 -14.85 -8.18 -6.96
C ILE A 546 -14.49 -9.58 -6.52
N PRO A 547 -15.47 -10.52 -6.48
CA PRO A 547 -15.09 -11.87 -5.99
C PRO A 547 -14.05 -12.57 -6.86
N TRP A 548 -13.94 -12.23 -8.15
CA TRP A 548 -12.93 -12.91 -9.03
C TRP A 548 -11.47 -12.53 -8.67
N ARG A 549 -11.33 -11.36 -8.04
CA ARG A 549 -10.01 -10.94 -7.59
C ARG A 549 -9.73 -11.59 -6.25
N LYS A 550 -8.94 -12.65 -6.26
CA LYS A 550 -8.78 -13.47 -5.08
C LYS A 550 -7.95 -12.83 -3.92
N PRO A 551 -8.12 -13.36 -2.64
CA PRO A 551 -7.40 -12.76 -1.49
C PRO A 551 -5.87 -12.67 -1.74
N ILE A 552 -5.31 -11.46 -1.55
CA ILE A 552 -3.86 -11.29 -1.40
C ILE A 552 -3.40 -11.34 0.07
N SER A 553 -2.12 -11.62 0.28
CA SER A 553 -1.54 -11.38 1.57
C SER A 553 -1.70 -9.94 2.07
N SER A 554 -1.64 -9.83 3.40
CA SER A 554 -1.88 -8.54 4.04
C SER A 554 -0.58 -7.69 4.04
N VAL A 555 -0.74 -6.36 4.02
CA VAL A 555 0.34 -5.42 4.44
C VAL A 555 0.54 -5.56 5.95
N ASN A 556 1.71 -6.07 6.34
CA ASN A 556 2.10 -6.16 7.73
C ASN A 556 3.17 -5.09 8.04
N LEU A 557 2.80 -4.13 8.90
CA LEU A 557 3.69 -3.00 9.29
C LEU A 557 4.01 -3.03 10.76
N LEU A 558 5.26 -3.30 11.08
CA LEU A 558 5.73 -3.13 12.44
C LEU A 558 5.97 -1.61 12.71
N VAL A 559 5.13 -1.03 13.57
CA VAL A 559 5.18 0.35 13.95
C VAL A 559 6.01 0.40 15.22
N SER A 560 7.32 0.79 15.14
CA SER A 560 8.17 0.68 16.31
C SER A 560 9.00 1.93 16.56
N SER A 561 9.98 1.85 17.45
CA SER A 561 10.77 3.06 17.82
C SER A 561 9.83 4.19 18.17
N HIS A 562 8.91 3.91 19.14
CA HIS A 562 7.70 4.71 19.27
C HIS A 562 7.86 6.00 20.07
N VAL A 563 6.76 6.73 20.12
CA VAL A 563 6.69 8.00 20.82
C VAL A 563 7.33 8.06 22.23
N TRP A 564 7.38 6.96 22.96
CA TRP A 564 7.77 7.09 24.39
C TRP A 564 9.23 6.96 24.61
N ARG A 565 9.94 6.43 23.60
CA ARG A 565 11.33 6.10 23.79
C ARG A 565 12.18 6.52 22.54
N GLN A 566 12.04 7.78 22.17
CA GLN A 566 12.87 8.36 21.09
C GLN A 566 14.09 9.11 21.67
N ASP A 567 14.90 8.32 22.40
CA ASP A 567 15.96 8.81 23.28
C ASP A 567 17.03 9.65 22.56
N HIS A 568 17.41 9.26 21.34
CA HIS A 568 18.43 10.05 20.61
C HIS A 568 17.80 11.18 19.81
N ASN A 569 16.49 11.15 19.60
CA ASN A 569 15.84 11.98 18.62
C ASN A 569 14.81 13.07 18.99
N GLY A 570 14.01 12.92 20.02
CA GLY A 570 13.13 14.05 20.35
C GLY A 570 11.77 14.27 19.67
N PHE A 571 11.24 15.48 19.83
CA PHE A 571 9.89 15.83 19.53
C PHE A 571 9.48 15.51 18.07
N SER A 572 10.39 15.70 17.08
CA SER A 572 9.99 15.48 15.68
C SER A 572 9.66 14.02 15.43
N HIS A 573 10.19 13.15 16.30
CA HIS A 573 10.00 11.70 16.23
C HIS A 573 8.88 11.14 17.16
N GLN A 574 7.94 12.01 17.55
CA GLN A 574 6.88 11.66 18.54
C GLN A 574 5.53 11.95 17.96
N ASP A 575 4.93 10.93 17.31
CA ASP A 575 3.64 11.13 16.66
C ASP A 575 3.07 9.77 16.35
N PRO A 576 2.25 9.21 17.30
CA PRO A 576 1.74 7.87 17.13
C PRO A 576 0.43 7.90 16.32
N GLY A 577 0.06 9.05 15.75
CA GLY A 577 -1.19 9.19 15.15
C GLY A 577 -1.53 8.44 13.85
N VAL A 578 -0.71 7.50 13.38
CA VAL A 578 -1.21 6.66 12.29
C VAL A 578 -2.47 5.85 12.81
N THR A 579 -2.55 5.59 14.14
CA THR A 579 -3.80 5.03 14.74
C THR A 579 -4.99 5.76 14.20
N SER A 580 -5.00 7.09 14.33
CA SER A 580 -6.15 7.90 13.88
C SER A 580 -6.49 7.81 12.41
N LEU A 581 -5.46 7.75 11.57
CA LEU A 581 -5.69 7.62 10.14
C LEU A 581 -6.36 6.26 9.83
N LEU A 582 -5.80 5.21 10.43
CA LEU A 582 -6.33 3.87 10.24
C LEU A 582 -7.81 3.70 10.66
N ILE A 583 -8.21 4.38 11.76
CA ILE A 583 -9.61 4.42 12.21
C ILE A 583 -10.53 4.88 11.10
N ASN A 584 -10.02 5.63 10.11
CA ASN A 584 -10.88 6.08 8.98
C ASN A 584 -11.06 5.05 7.84
N LYS A 585 -10.65 3.81 8.07
CA LYS A 585 -10.79 2.73 7.08
C LYS A 585 -11.35 1.47 7.80
N THR A 586 -12.48 1.65 8.55
CA THR A 586 -13.02 0.63 9.47
C THR A 586 -14.57 0.51 9.29
N PHE A 587 -15.02 0.65 8.06
CA PHE A 587 -16.44 0.77 7.78
C PHE A 587 -17.07 -0.50 7.14
N ASN A 588 -18.40 -0.54 7.17
CA ASN A 588 -19.23 -1.46 6.39
C ASN A 588 -18.91 -2.88 6.71
N ASN A 589 -18.31 -3.17 7.85
CA ASN A 589 -17.85 -4.51 8.06
C ASN A 589 -16.91 -5.11 6.97
N ASP A 590 -16.24 -4.22 6.22
CA ASP A 590 -15.13 -4.62 5.29
C ASP A 590 -14.11 -5.42 6.04
N HIS A 591 -13.82 -5.06 7.28
CA HIS A 591 -12.72 -5.70 8.00
C HIS A 591 -11.37 -5.77 7.25
N VAL A 592 -10.96 -4.65 6.67
CA VAL A 592 -9.64 -4.55 5.90
C VAL A 592 -8.52 -3.91 6.72
N THR A 593 -8.84 -3.36 7.91
CA THR A 593 -7.84 -2.66 8.77
C THR A 593 -7.77 -3.18 10.21
N ASN A 594 -6.58 -3.49 10.72
CA ASN A 594 -6.39 -3.90 12.10
C ASN A 594 -5.25 -3.08 12.76
N ILE A 595 -5.48 -2.66 14.03
CA ILE A 595 -4.52 -1.96 14.85
C ILE A 595 -4.31 -2.80 16.06
N TYR A 596 -3.12 -3.40 16.14
CA TYR A 596 -2.73 -4.27 17.24
C TYR A 596 -1.70 -3.61 18.16
N PHE A 597 -1.91 -3.65 19.47
CA PHE A 597 -0.87 -3.23 20.42
C PHE A 597 -0.21 -4.41 21.02
N ALA A 598 1.05 -4.65 20.66
CA ALA A 598 1.76 -5.77 21.18
C ALA A 598 2.29 -5.38 22.58
N THR A 599 1.76 -6.06 23.58
CA THR A 599 2.00 -5.72 24.98
C THR A 599 3.40 -6.06 25.38
N ASP A 600 3.89 -7.16 24.84
CA ASP A 600 5.20 -7.64 25.05
C ASP A 600 5.52 -8.59 23.84
N ALA A 601 6.63 -9.31 23.90
CA ALA A 601 7.06 -10.18 22.81
C ALA A 601 6.15 -11.41 22.60
N ASN A 602 5.41 -11.83 23.65
CA ASN A 602 4.60 -13.03 23.49
C ASN A 602 3.35 -12.62 22.78
N MET A 603 2.82 -11.46 23.15
CA MET A 603 1.73 -10.89 22.41
C MET A 603 2.11 -10.58 20.90
N LEU A 604 3.31 -10.03 20.72
CA LEU A 604 3.87 -9.71 19.39
C LEU A 604 3.86 -10.97 18.48
N LEU A 605 4.41 -12.08 19.00
CA LEU A 605 4.38 -13.40 18.38
C LEU A 605 3.00 -13.86 17.98
N ALA A 606 2.03 -13.88 18.92
CA ALA A 606 0.65 -14.20 18.59
C ALA A 606 0.06 -13.29 17.52
N ILE A 607 0.16 -11.98 17.69
CA ILE A 607 -0.34 -11.06 16.70
C ILE A 607 0.30 -11.36 15.31
N SER A 608 1.58 -11.64 15.26
CA SER A 608 2.29 -11.68 13.95
C SER A 608 1.84 -12.93 13.18
N GLU A 609 1.73 -14.06 13.93
CA GLU A 609 1.18 -15.28 13.34
C GLU A 609 -0.17 -15.02 12.79
N LYS A 610 -1.04 -14.36 13.55
CA LYS A 610 -2.35 -14.01 12.98
C LYS A 610 -2.19 -13.18 11.67
N CYS A 611 -1.25 -12.25 11.68
CA CYS A 611 -1.13 -11.30 10.58
C CYS A 611 -0.57 -12.07 9.39
N PHE A 612 0.40 -12.95 9.61
CA PHE A 612 1.04 -13.62 8.47
C PHE A 612 0.06 -14.63 7.80
N LYS A 613 -0.96 -15.09 8.56
CA LYS A 613 -2.06 -15.96 8.06
C LYS A 613 -3.20 -15.14 7.42
N SER A 614 -3.37 -13.87 7.82
CA SER A 614 -4.49 -13.08 7.28
C SER A 614 -4.35 -12.72 5.83
N THR A 615 -5.46 -12.33 5.20
CA THR A 615 -5.40 -11.89 3.83
C THR A 615 -6.25 -10.67 3.71
N ASN A 616 -6.04 -9.89 2.65
CA ASN A 616 -6.86 -8.75 2.34
C ASN A 616 -6.93 -7.71 3.47
N LYS A 617 -5.87 -7.59 4.27
CA LYS A 617 -5.84 -6.62 5.36
C LYS A 617 -4.63 -5.66 5.28
N ILE A 618 -4.75 -4.51 5.94
CA ILE A 618 -3.59 -3.77 6.44
C ILE A 618 -3.59 -4.00 7.95
N ASN A 619 -2.50 -4.58 8.48
CA ASN A 619 -2.27 -4.81 9.87
C ASN A 619 -1.18 -3.89 10.42
N ALA A 620 -1.54 -2.94 11.26
CA ALA A 620 -0.54 -2.12 11.97
C ALA A 620 -0.24 -2.75 13.32
N ILE A 621 1.00 -3.15 13.49
CA ILE A 621 1.44 -3.88 14.60
C ILE A 621 2.33 -2.97 15.43
N PHE A 622 1.77 -2.38 16.52
CA PHE A 622 2.60 -1.53 17.45
C PHE A 622 3.43 -2.31 18.47
N ALA A 623 4.72 -2.05 18.53
CA ALA A 623 5.57 -2.70 19.47
C ALA A 623 6.76 -1.84 19.78
N GLY A 624 7.18 -1.88 21.04
CA GLY A 624 8.33 -1.08 21.46
C GLY A 624 9.55 -1.90 21.23
N LYS A 625 10.66 -1.26 20.87
CA LYS A 625 11.92 -1.93 20.76
C LYS A 625 12.86 -1.73 21.93
N GLN A 626 12.48 -0.90 22.91
CA GLN A 626 13.33 -0.71 24.10
C GLN A 626 13.27 -1.97 24.96
N PRO A 627 14.28 -2.19 25.86
CA PRO A 627 14.12 -3.25 26.84
C PRO A 627 12.87 -3.05 27.70
N ALA A 628 12.14 -4.14 27.96
CA ALA A 628 10.80 -3.99 28.56
C ALA A 628 10.35 -5.29 29.24
N PRO A 629 9.46 -5.18 30.23
CA PRO A 629 8.96 -6.43 30.90
C PRO A 629 8.14 -7.31 29.93
N THR A 630 8.23 -8.62 30.11
CA THR A 630 7.27 -9.52 29.42
C THR A 630 6.09 -9.77 30.39
N TRP A 631 4.86 -9.59 29.94
CA TRP A 631 3.71 -9.64 30.85
C TRP A 631 2.96 -10.98 30.86
N VAL A 632 2.72 -11.56 29.65
CA VAL A 632 1.83 -12.74 29.48
C VAL A 632 2.67 -13.88 28.92
N THR A 633 2.20 -15.12 29.08
CA THR A 633 2.85 -16.26 28.42
C THR A 633 2.36 -16.31 26.94
N LEU A 634 2.94 -17.20 26.12
CA LEU A 634 2.47 -17.27 24.72
C LEU A 634 1.00 -17.79 24.70
N ASP A 635 0.70 -18.83 25.50
CA ASP A 635 -0.71 -19.33 25.50
C ASP A 635 -1.66 -18.26 25.94
N GLU A 636 -1.30 -17.47 26.95
CA GLU A 636 -2.18 -16.35 27.31
C GLU A 636 -2.32 -15.35 26.19
N ALA A 637 -1.16 -15.01 25.55
CA ALA A 637 -1.19 -14.05 24.39
C ALA A 637 -2.20 -14.54 23.34
N ARG A 638 -2.17 -15.85 23.03
CA ARG A 638 -3.11 -16.42 21.99
C ARG A 638 -4.56 -16.22 22.36
N ALA A 639 -4.92 -16.53 23.61
CA ALA A 639 -6.35 -16.33 24.07
C ALA A 639 -6.69 -14.88 24.09
N GLU A 640 -5.80 -14.06 24.67
CA GLU A 640 -6.17 -12.63 24.81
C GLU A 640 -6.30 -11.88 23.47
N LEU A 641 -5.40 -12.21 22.53
CA LEU A 641 -5.44 -11.62 21.19
C LEU A 641 -6.76 -11.89 20.55
N GLU A 642 -7.28 -13.12 20.70
CA GLU A 642 -8.58 -13.48 20.10
C GLU A 642 -9.76 -12.71 20.63
N ALA A 643 -9.77 -12.44 21.94
CA ALA A 643 -10.89 -11.71 22.54
C ALA A 643 -10.68 -10.27 22.17
N GLY A 644 -9.42 -9.82 22.13
CA GLY A 644 -9.14 -8.43 21.71
C GLY A 644 -8.76 -7.55 22.90
N ALA A 645 -9.49 -7.74 24.00
CA ALA A 645 -9.24 -7.09 25.34
C ALA A 645 -9.36 -8.20 26.38
N ALA A 646 -8.59 -8.17 27.45
CA ALA A 646 -8.66 -9.23 28.42
C ALA A 646 -8.34 -8.73 29.85
N GLU A 647 -9.09 -9.25 30.83
CA GLU A 647 -8.69 -9.03 32.21
C GLU A 647 -7.47 -9.77 32.56
N TRP A 648 -6.57 -9.14 33.29
CA TRP A 648 -5.43 -9.92 33.82
C TRP A 648 -5.73 -10.24 35.32
N LYS A 649 -6.43 -11.38 35.55
CA LYS A 649 -6.97 -11.75 36.86
C LYS A 649 -5.83 -11.89 37.82
N TRP A 650 -4.66 -12.34 37.39
CA TRP A 650 -3.55 -12.43 38.32
C TRP A 650 -3.09 -11.01 38.80
N ALA A 651 -3.58 -9.95 38.18
CA ALA A 651 -3.14 -8.64 38.56
C ALA A 651 -4.26 -7.88 39.23
N SER A 652 -5.50 -8.14 38.84
CA SER A 652 -6.67 -7.63 39.56
C SER A 652 -6.65 -8.07 41.07
N ASN A 653 -7.23 -7.27 41.96
CA ASN A 653 -7.29 -7.68 43.40
C ASN A 653 -8.77 -7.65 43.87
N ALA A 654 -9.65 -7.11 43.06
CA ALA A 654 -11.05 -7.12 43.38
C ALA A 654 -11.68 -8.52 43.13
N GLU A 655 -12.72 -8.81 43.92
CA GLU A 655 -13.41 -10.10 44.01
C GLU A 655 -14.12 -10.27 42.74
N ASN A 656 -14.80 -9.22 42.33
CA ASN A 656 -15.77 -9.24 41.29
C ASN A 656 -15.98 -7.77 40.89
N ASN A 657 -16.77 -7.54 39.87
CA ASN A 657 -16.93 -6.22 39.33
C ASN A 657 -17.56 -5.21 40.30
N ASP A 658 -18.41 -5.67 41.25
CA ASP A 658 -19.11 -4.71 42.15
C ASP A 658 -18.16 -4.22 43.23
N GLU A 659 -17.22 -5.05 43.62
CA GLU A 659 -16.15 -4.66 44.51
C GLU A 659 -15.03 -3.75 43.88
N VAL A 660 -15.08 -3.52 42.55
CA VAL A 660 -14.00 -2.81 41.83
C VAL A 660 -14.17 -1.30 42.07
N GLN A 661 -13.12 -0.64 42.58
CA GLN A 661 -13.23 0.84 42.72
C GLN A 661 -12.85 1.64 41.44
N VAL A 662 -11.90 1.09 40.70
CA VAL A 662 -11.57 1.66 39.41
C VAL A 662 -11.08 0.51 38.49
N VAL A 663 -11.49 0.60 37.22
CA VAL A 663 -10.85 -0.23 36.16
C VAL A 663 -9.50 0.40 35.68
N LEU A 664 -8.39 -0.30 35.86
CA LEU A 664 -7.09 0.04 35.25
C LEU A 664 -6.97 -0.66 33.86
N ALA A 665 -7.22 0.10 32.80
CA ALA A 665 -7.15 -0.40 31.42
C ALA A 665 -5.94 0.28 30.71
N SER A 666 -5.17 -0.51 29.95
CA SER A 666 -4.10 0.07 29.09
C SER A 666 -3.99 -0.58 27.66
N ALA A 667 -3.43 0.17 26.70
CA ALA A 667 -3.03 -0.38 25.36
C ALA A 667 -1.67 0.27 25.03
N GLY A 668 -0.66 -0.57 24.85
CA GLY A 668 0.69 -0.22 24.43
C GLY A 668 1.64 -0.70 25.46
N ASP A 669 2.86 -1.03 25.08
CA ASP A 669 3.82 -1.51 26.01
C ASP A 669 4.16 -0.55 27.19
N VAL A 670 4.26 0.73 26.87
CA VAL A 670 4.76 1.67 27.87
C VAL A 670 3.57 2.09 28.80
N PRO A 671 2.44 2.53 28.24
CA PRO A 671 1.25 2.71 29.10
C PRO A 671 0.99 1.50 30.04
N THR A 672 1.22 0.29 29.55
CA THR A 672 0.99 -0.91 30.34
C THR A 672 1.99 -1.02 31.48
N GLN A 673 3.30 -0.86 31.20
CA GLN A 673 4.28 -0.90 32.27
C GLN A 673 3.90 0.14 33.39
N GLU A 674 3.46 1.35 32.97
CA GLU A 674 3.22 2.40 33.92
C GLU A 674 1.90 2.07 34.72
N LEU A 675 0.87 1.60 34.04
CA LEU A 675 -0.38 1.15 34.66
C LEU A 675 -0.09 0.06 35.68
N MET A 676 0.75 -0.89 35.30
CA MET A 676 1.05 -1.99 36.16
C MET A 676 1.77 -1.52 37.46
N ALA A 677 2.73 -0.58 37.34
CA ALA A 677 3.40 -0.05 38.50
C ALA A 677 2.39 0.74 39.32
N ALA A 678 1.54 1.54 38.69
CA ALA A 678 0.43 2.16 39.40
C ALA A 678 -0.47 1.14 40.16
N SER A 679 -0.81 0.03 39.52
CA SER A 679 -1.64 -1.04 40.12
C SER A 679 -0.97 -1.59 41.40
N ASP A 680 0.36 -1.81 41.36
CA ASP A 680 1.12 -2.27 42.50
C ASP A 680 1.00 -1.30 43.69
N ALA A 681 1.11 0.00 43.40
CA ALA A 681 1.00 1.00 44.43
C ALA A 681 -0.44 1.10 44.99
N LEU A 682 -1.41 1.09 44.08
CA LEU A 682 -2.79 1.18 44.46
C LEU A 682 -3.18 -0.07 45.32
N ASN A 683 -2.61 -1.23 45.02
CA ASN A 683 -2.84 -2.43 45.79
C ASN A 683 -2.35 -2.26 47.27
N LYS A 684 -1.07 -1.88 47.38
CA LYS A 684 -0.49 -1.53 48.65
C LYS A 684 -1.20 -0.41 49.45
N MET A 685 -2.01 0.44 48.84
CA MET A 685 -2.84 1.33 49.61
C MET A 685 -4.20 0.71 50.01
N GLY A 686 -4.46 -0.57 49.69
CA GLY A 686 -5.80 -1.16 49.86
C GLY A 686 -6.87 -0.66 48.91
N ILE A 687 -6.49 -0.22 47.70
CA ILE A 687 -7.52 0.14 46.74
C ILE A 687 -7.94 -1.14 46.01
N LYS A 688 -9.23 -1.24 45.65
CA LYS A 688 -9.72 -2.37 44.88
C LYS A 688 -9.99 -2.01 43.42
N PHE A 689 -9.35 -2.77 42.53
CA PHE A 689 -9.48 -2.48 41.07
C PHE A 689 -9.36 -3.79 40.27
N LYS A 690 -9.67 -3.72 38.97
CA LYS A 690 -9.30 -4.79 38.06
C LYS A 690 -8.35 -4.19 36.97
N VAL A 691 -7.48 -5.03 36.42
CA VAL A 691 -6.60 -4.68 35.25
C VAL A 691 -7.08 -5.31 33.89
N VAL A 692 -7.43 -4.47 32.90
CA VAL A 692 -7.84 -4.92 31.57
C VAL A 692 -6.74 -4.46 30.55
N ASN A 693 -6.13 -5.42 29.84
CA ASN A 693 -5.21 -5.07 28.73
C ASN A 693 -5.96 -5.06 27.40
N VAL A 694 -5.65 -4.08 26.54
CA VAL A 694 -6.30 -3.94 25.24
C VAL A 694 -5.22 -4.14 24.17
N VAL A 695 -5.46 -5.15 23.29
CA VAL A 695 -4.55 -5.56 22.22
C VAL A 695 -5.15 -5.27 20.85
N ASP A 696 -6.38 -5.72 20.62
CA ASP A 696 -7.08 -5.45 19.37
C ASP A 696 -8.06 -4.26 19.41
N LEU A 697 -7.53 -3.07 19.10
CA LEU A 697 -8.21 -1.85 19.46
C LEU A 697 -9.65 -1.75 18.96
N LEU A 698 -9.86 -2.13 17.71
CA LEU A 698 -11.12 -1.83 17.06
C LEU A 698 -12.25 -2.78 17.61
N LYS A 699 -11.84 -3.78 18.37
CA LYS A 699 -12.81 -4.63 19.02
C LYS A 699 -13.48 -3.87 20.21
N LEU A 700 -12.94 -2.68 20.59
CA LEU A 700 -13.65 -1.79 21.48
C LEU A 700 -14.86 -1.14 20.84
N GLN A 701 -14.98 -1.12 19.51
CA GLN A 701 -16.13 -0.42 18.93
C GLN A 701 -17.46 -1.20 19.22
N SER A 702 -18.58 -0.55 19.03
CA SER A 702 -19.85 -1.29 19.19
C SER A 702 -20.08 -2.28 18.02
N ARG A 703 -20.85 -3.35 18.30
CA ARG A 703 -21.28 -4.27 17.24
C ARG A 703 -22.00 -3.56 16.16
N GLU A 704 -22.65 -2.46 16.45
CA GLU A 704 -23.26 -1.83 15.34
C GLU A 704 -22.23 -1.26 14.31
N ASN A 705 -21.04 -0.89 14.81
CA ASN A 705 -20.02 -0.29 13.92
C ASN A 705 -19.05 -1.35 13.46
N ASN A 706 -18.97 -2.47 14.19
CA ASN A 706 -18.04 -3.52 13.90
C ASN A 706 -18.54 -4.88 14.40
N ASP A 707 -19.09 -5.64 13.44
CA ASP A 707 -19.72 -6.94 13.78
C ASP A 707 -18.76 -8.01 14.23
N GLU A 708 -17.48 -7.70 14.37
CA GLU A 708 -16.59 -8.68 15.02
C GLU A 708 -16.06 -8.16 16.33
N ALA A 709 -16.53 -7.01 16.77
CA ALA A 709 -16.10 -6.40 18.08
C ALA A 709 -16.63 -7.25 19.28
N LEU A 710 -16.20 -6.94 20.50
CA LEU A 710 -16.78 -7.47 21.76
C LEU A 710 -18.24 -7.13 21.83
N THR A 711 -19.10 -8.06 22.28
CA THR A 711 -20.54 -7.68 22.42
C THR A 711 -20.68 -6.73 23.61
N ASP A 712 -21.78 -6.00 23.73
CA ASP A 712 -22.03 -5.19 25.00
C ASP A 712 -21.81 -5.94 26.25
N GLU A 713 -22.24 -7.20 26.24
CA GLU A 713 -22.09 -8.01 27.40
C GLU A 713 -20.65 -8.28 27.72
N GLU A 714 -19.87 -8.58 26.70
CA GLU A 714 -18.47 -8.87 27.02
C GLU A 714 -17.78 -7.53 27.36
N PHE A 715 -18.19 -6.45 26.73
CA PHE A 715 -17.57 -5.13 27.01
C PHE A 715 -17.84 -4.74 28.52
N THR A 716 -19.12 -4.69 28.87
CA THR A 716 -19.51 -4.58 30.33
C THR A 716 -18.80 -5.52 31.28
N GLU A 717 -18.67 -6.78 30.94
CA GLU A 717 -17.95 -7.69 31.82
C GLU A 717 -16.49 -7.25 32.09
N LEU A 718 -15.84 -6.68 31.02
CA LEU A 718 -14.45 -6.23 31.17
C LEU A 718 -14.46 -4.91 31.88
N PHE A 719 -15.30 -3.97 31.45
CA PHE A 719 -15.15 -2.60 31.93
C PHE A 719 -16.13 -2.13 33.03
N THR A 720 -17.00 -3.07 33.47
CA THR A 720 -18.04 -2.91 34.51
C THR A 720 -19.15 -2.13 33.95
N ALA A 721 -20.31 -2.21 34.64
CA ALA A 721 -21.51 -1.48 34.20
C ALA A 721 -21.37 -0.02 34.61
N ASP A 722 -20.64 0.24 35.69
CA ASP A 722 -20.59 1.65 36.10
C ASP A 722 -19.49 2.08 37.04
N LYS A 723 -18.41 1.32 37.19
CA LYS A 723 -17.26 1.85 37.86
C LYS A 723 -16.39 2.80 36.94
N PRO A 724 -15.60 3.73 37.56
CA PRO A 724 -14.75 4.60 36.73
C PRO A 724 -13.71 3.74 36.00
N VAL A 725 -13.36 4.15 34.80
CA VAL A 725 -12.27 3.40 34.11
C VAL A 725 -11.09 4.35 33.83
N LEU A 726 -9.90 3.99 34.28
CA LEU A 726 -8.76 4.76 33.85
C LEU A 726 -8.10 3.98 32.69
N PHE A 727 -8.05 4.65 31.53
CA PHE A 727 -7.54 4.03 30.31
C PHE A 727 -6.25 4.71 29.85
N ALA A 728 -5.12 4.07 30.07
CA ALA A 728 -3.78 4.56 29.63
C ALA A 728 -3.53 4.14 28.14
N TYR A 729 -3.63 5.12 27.21
CA TYR A 729 -3.58 4.84 25.78
C TYR A 729 -2.23 5.27 25.09
N HIS A 730 -1.68 4.36 24.30
CA HIS A 730 -0.37 4.60 23.60
C HIS A 730 -0.38 5.88 22.74
N SER A 731 -1.50 6.18 22.11
CA SER A 731 -1.53 7.22 21.13
C SER A 731 -2.46 8.36 21.62
N TYR A 732 -3.18 9.02 20.75
CA TYR A 732 -3.95 10.21 21.14
C TYR A 732 -5.33 9.77 21.71
N ALA A 733 -5.74 10.38 22.85
CA ALA A 733 -6.90 9.88 23.59
C ALA A 733 -8.13 9.99 22.73
N GLN A 734 -8.20 11.04 21.90
CA GLN A 734 -9.21 11.20 20.89
C GLN A 734 -9.66 9.86 20.23
N ASP A 735 -8.71 8.99 19.88
CA ASP A 735 -9.09 7.74 19.21
C ASP A 735 -10.07 6.90 20.07
N VAL A 736 -9.69 6.57 21.31
CA VAL A 736 -10.50 5.72 22.20
C VAL A 736 -11.85 6.40 22.47
N ARG A 737 -11.84 7.71 22.69
CA ARG A 737 -13.05 8.45 22.91
C ARG A 737 -14.03 8.35 21.76
N GLY A 738 -13.56 8.50 20.52
CA GLY A 738 -14.50 8.37 19.39
C GLY A 738 -14.92 6.91 19.23
N LEU A 739 -14.04 5.97 19.53
CA LEU A 739 -14.39 4.57 19.28
C LEU A 739 -15.49 4.03 20.23
N ILE A 740 -15.57 4.58 21.47
CA ILE A 740 -16.41 3.94 22.51
C ILE A 740 -17.65 4.75 22.77
N TYR A 741 -17.91 5.71 21.89
CA TYR A 741 -18.97 6.65 22.10
C TYR A 741 -20.39 6.04 22.38
N ASP A 742 -20.63 4.80 22.00
CA ASP A 742 -21.98 4.21 22.18
C ASP A 742 -21.80 2.95 23.01
N ARG A 743 -20.73 2.84 23.76
CA ARG A 743 -20.58 1.66 24.54
C ARG A 743 -21.21 1.86 25.95
N PRO A 744 -21.70 0.76 26.59
CA PRO A 744 -22.18 0.89 27.98
C PRO A 744 -21.04 1.40 28.86
N ASN A 745 -21.34 2.39 29.70
CA ASN A 745 -20.39 2.92 30.71
C ASN A 745 -19.24 3.79 30.13
N HIS A 746 -19.39 4.26 28.90
CA HIS A 746 -18.27 5.00 28.29
C HIS A 746 -18.03 6.33 29.02
N ASP A 747 -19.11 6.94 29.56
CA ASP A 747 -19.05 8.24 30.28
C ASP A 747 -18.18 8.15 31.51
N ASN A 748 -17.90 6.95 31.97
CA ASN A 748 -16.94 6.74 33.06
C ASN A 748 -15.49 6.53 32.71
N PHE A 749 -15.16 6.47 31.42
CA PHE A 749 -13.77 6.27 31.00
C PHE A 749 -12.99 7.60 31.13
N HIS A 750 -11.82 7.54 31.70
CA HIS A 750 -10.91 8.72 31.60
C HIS A 750 -9.70 8.25 30.76
N VAL A 751 -9.64 8.71 29.51
CA VAL A 751 -8.53 8.27 28.59
C VAL A 751 -7.30 9.20 28.69
N VAL A 752 -6.18 8.65 29.09
CA VAL A 752 -4.95 9.42 29.10
C VAL A 752 -4.15 8.93 27.83
N GLY A 753 -3.76 9.85 26.96
CA GLY A 753 -2.90 9.50 25.81
C GLY A 753 -1.76 10.47 25.61
N TYR A 754 -1.08 10.32 24.47
CA TYR A 754 -0.02 11.25 24.11
C TYR A 754 -0.59 12.62 23.79
N LYS A 755 0.06 13.69 24.28
CA LYS A 755 -0.50 15.01 24.13
C LYS A 755 0.51 16.08 23.67
N GLU A 756 1.42 15.68 22.75
CA GLU A 756 2.37 16.60 22.06
C GLU A 756 3.25 17.23 23.08
N GLN A 757 3.72 16.40 24.00
CA GLN A 757 4.67 16.87 25.01
C GLN A 757 5.83 15.95 24.96
N GLY A 758 7.04 16.48 25.03
CA GLY A 758 8.20 15.62 25.05
C GLY A 758 9.40 16.26 24.36
N SER A 759 10.59 15.66 24.52
CA SER A 759 11.79 16.04 23.79
C SER A 759 12.85 14.98 23.95
N THR A 760 14.11 15.38 23.84
CA THR A 760 15.18 14.45 24.08
C THR A 760 15.37 14.46 25.60
N THR A 761 15.02 13.34 26.25
CA THR A 761 14.95 13.32 27.71
C THR A 761 15.00 11.91 28.25
N THR A 762 14.74 11.72 29.56
CA THR A 762 14.94 10.38 30.11
C THR A 762 13.62 9.62 29.93
N PRO A 763 13.64 8.29 30.10
CA PRO A 763 12.34 7.60 29.88
C PRO A 763 11.23 8.08 30.85
N PHE A 764 11.59 8.28 32.13
CA PHE A 764 10.56 8.77 33.04
C PHE A 764 10.03 10.11 32.64
N ASP A 765 10.90 11.06 32.25
CA ASP A 765 10.38 12.40 31.91
C ASP A 765 9.40 12.34 30.73
N MET A 766 9.68 11.46 29.75
CA MET A 766 8.76 11.39 28.59
C MET A 766 7.28 11.00 29.06
N VAL A 767 7.18 10.01 29.95
CA VAL A 767 5.80 9.61 30.46
C VAL A 767 5.26 10.74 31.34
N ARG A 768 6.14 11.29 32.20
CA ARG A 768 5.77 12.41 33.05
C ARG A 768 5.06 13.54 32.39
N VAL A 769 5.60 14.06 31.26
CA VAL A 769 4.99 15.28 30.71
C VAL A 769 3.75 14.96 29.98
N ASN A 770 3.43 13.67 29.81
CA ASN A 770 2.11 13.39 29.20
C ASN A 770 1.08 12.85 30.22
N ASP A 771 1.45 12.94 31.52
CA ASP A 771 0.64 12.40 32.65
C ASP A 771 0.42 10.91 32.55
N MET A 772 1.46 10.22 32.02
CA MET A 772 1.36 8.81 31.64
C MET A 772 2.22 8.05 32.58
N ASP A 773 3.04 8.77 33.33
CA ASP A 773 3.93 8.03 34.23
C ASP A 773 3.04 7.36 35.36
N ARG A 774 3.61 6.34 36.01
CA ARG A 774 2.92 5.52 37.05
C ARG A 774 2.39 6.34 38.24
N TYR A 775 3.09 7.41 38.61
CA TYR A 775 2.60 8.25 39.72
C TYR A 775 1.43 9.04 39.27
N ALA A 776 1.51 9.59 38.07
CA ALA A 776 0.34 10.33 37.60
C ALA A 776 -0.89 9.41 37.35
N LEU A 777 -0.61 8.14 36.97
CA LEU A 777 -1.69 7.17 36.69
C LEU A 777 -2.36 6.83 38.09
N GLN A 778 -1.56 6.54 39.11
CA GLN A 778 -2.03 6.33 40.49
C GLN A 778 -2.80 7.57 40.90
N ALA A 779 -2.22 8.77 40.80
CA ALA A 779 -3.06 9.94 41.09
C ALA A 779 -4.38 10.04 40.39
N ALA A 780 -4.37 9.77 39.09
CA ALA A 780 -5.60 9.89 38.31
C ALA A 780 -6.67 8.84 38.82
N ALA A 781 -6.24 7.65 39.17
CA ALA A 781 -7.12 6.59 39.62
C ALA A 781 -7.80 7.07 40.95
N LEU A 782 -6.99 7.65 41.87
CA LEU A 782 -7.46 8.24 43.13
C LEU A 782 -8.41 9.34 42.90
N LYS A 783 -8.15 10.19 41.93
CA LYS A 783 -9.05 11.29 41.63
C LYS A 783 -10.41 10.79 41.12
N LEU A 784 -10.44 9.61 40.48
CA LEU A 784 -11.66 9.13 39.94
C LEU A 784 -12.51 8.46 41.07
N ILE A 785 -11.84 7.79 42.01
CA ILE A 785 -12.42 7.12 43.19
C ILE A 785 -12.95 8.13 44.20
N ASP A 786 -12.09 9.02 44.72
CA ASP A 786 -12.59 10.08 45.61
C ASP A 786 -11.62 11.23 45.69
N ALA A 787 -11.84 12.29 44.91
CA ALA A 787 -10.89 13.42 44.85
C ALA A 787 -10.65 14.10 46.22
N ASP A 788 -11.73 14.40 46.95
CA ASP A 788 -11.60 14.98 48.31
C ASP A 788 -10.78 14.11 49.28
N LYS A 789 -11.07 12.83 49.34
CA LYS A 789 -10.39 12.02 50.29
C LYS A 789 -8.94 11.97 49.96
N TYR A 790 -8.61 11.93 48.66
CA TYR A 790 -7.21 11.67 48.29
C TYR A 790 -6.45 12.93 47.85
N ALA A 791 -7.03 14.09 48.10
CA ALA A 791 -6.39 15.36 47.81
C ALA A 791 -4.93 15.37 48.19
N ASP A 792 -4.62 14.93 49.40
CA ASP A 792 -3.24 14.99 49.84
C ASP A 792 -2.35 14.03 49.13
N LYS A 793 -2.81 12.77 49.00
CA LYS A 793 -2.01 11.74 48.37
C LYS A 793 -1.67 12.11 46.87
N ILE A 794 -2.64 12.63 46.17
CA ILE A 794 -2.48 13.16 44.83
C ILE A 794 -1.33 14.22 44.79
N ASP A 795 -1.42 15.26 45.65
CA ASP A 795 -0.38 16.29 45.77
C ASP A 795 0.95 15.69 46.03
N GLU A 796 0.99 14.68 46.86
CA GLU A 796 2.20 14.03 47.14
C GLU A 796 2.77 13.22 45.94
N LEU A 797 1.86 12.65 45.14
CA LEU A 797 2.29 11.93 43.94
C LEU A 797 2.83 12.96 42.93
N ASN A 798 2.06 14.03 42.70
CA ASN A 798 2.46 15.14 41.85
C ASN A 798 3.84 15.69 42.21
N ALA A 799 4.14 15.75 43.52
CA ALA A 799 5.42 16.29 43.96
C ALA A 799 6.48 15.26 43.79
N PHE A 800 6.12 14.00 43.96
CA PHE A 800 7.16 13.06 43.68
C PHE A 800 7.60 13.11 42.16
N ARG A 801 6.68 13.42 41.28
CA ARG A 801 7.02 13.43 39.85
C ARG A 801 8.05 14.60 39.61
N LYS A 802 7.75 15.78 40.20
CA LYS A 802 8.70 16.94 40.25
C LYS A 802 10.04 16.54 40.80
N LYS A 803 10.07 15.79 41.89
CA LYS A 803 11.35 15.37 42.44
C LYS A 803 12.09 14.36 41.55
N ALA A 804 11.35 13.47 40.91
CA ALA A 804 12.04 12.47 40.09
C ALA A 804 12.65 13.17 38.82
N PHE A 805 11.95 14.19 38.35
CA PHE A 805 12.40 15.04 37.23
C PHE A 805 13.64 15.83 37.63
N GLN A 806 13.62 16.44 38.82
CA GLN A 806 14.81 17.21 39.29
C GLN A 806 15.92 16.29 39.38
N PHE A 807 15.65 15.07 39.84
CA PHE A 807 16.73 14.16 39.98
C PHE A 807 17.39 13.86 38.59
N ALA A 808 16.57 13.74 37.55
CA ALA A 808 17.07 13.43 36.18
C ALA A 808 17.95 14.62 35.71
N VAL A 809 17.43 15.83 35.88
CA VAL A 809 18.18 17.09 35.67
C VAL A 809 19.53 17.13 36.38
N ASP A 810 19.54 16.84 37.68
CA ASP A 810 20.78 16.86 38.44
C ASP A 810 21.74 15.78 38.15
N ASN A 811 21.24 14.59 37.91
CA ASN A 811 22.16 13.45 37.87
C ASN A 811 22.42 12.85 36.51
N GLY A 812 21.54 13.09 35.56
CA GLY A 812 21.80 12.58 34.22
C GLY A 812 21.06 11.29 33.88
N TYR A 813 20.39 10.67 34.88
CA TYR A 813 19.67 9.40 34.73
C TYR A 813 18.44 9.36 35.72
N ASP A 814 17.55 8.43 35.51
CA ASP A 814 16.31 8.45 36.21
C ASP A 814 16.53 7.89 37.66
N ILE A 815 15.66 8.36 38.55
CA ILE A 815 15.70 7.97 40.01
C ILE A 815 15.56 6.47 40.17
N PRO A 816 16.44 5.82 40.97
CA PRO A 816 16.41 4.37 40.99
C PRO A 816 15.06 3.74 41.44
N GLU A 817 14.29 4.44 42.24
CA GLU A 817 12.99 3.93 42.59
C GLU A 817 12.11 3.71 41.30
N PHE A 818 12.24 4.59 40.29
CA PHE A 818 11.52 4.39 39.02
C PHE A 818 12.15 3.26 38.20
N THR A 819 13.47 3.32 37.96
CA THR A 819 14.06 2.40 37.00
C THR A 819 14.14 0.98 37.58
N ASP A 820 14.28 0.83 38.90
CA ASP A 820 14.60 -0.49 39.44
C ASP A 820 13.37 -1.33 39.82
N TRP A 821 12.19 -0.71 39.73
CA TRP A 821 10.92 -1.36 40.06
C TRP A 821 10.62 -2.51 39.12
N VAL A 822 10.44 -3.71 39.70
CA VAL A 822 9.94 -4.95 38.98
C VAL A 822 8.53 -5.35 39.54
N TYR A 823 7.62 -5.87 38.71
CA TYR A 823 6.26 -6.19 39.20
C TYR A 823 6.42 -7.23 40.29
N PRO A 824 5.64 -7.13 41.40
CA PRO A 824 5.91 -8.07 42.53
C PRO A 824 5.76 -9.61 42.23
N ASP A 825 5.09 -10.01 41.14
CA ASP A 825 5.03 -11.44 40.79
C ASP A 825 6.40 -12.04 40.41
N VAL A 826 7.38 -11.20 40.02
CA VAL A 826 8.59 -11.81 39.48
C VAL A 826 9.32 -12.79 40.44
MG MG B . 1.17 14.23 -19.17
N1' THD C . -1.81 14.78 -6.75
C2' THD C . -1.69 13.44 -6.69
CM2 THD C . -0.71 12.79 -5.74
N3' THD C . -2.41 12.66 -7.52
C4' THD C . -3.33 13.30 -8.37
N4' THD C . -4.11 12.50 -9.15
C5' THD C . -3.50 14.74 -8.43
C6' THD C . -2.67 15.43 -7.56
C7' THD C . -4.52 15.56 -9.36
N3 THD C . -4.42 15.11 -10.79
C2 THD C . -5.20 14.17 -11.49
S1 THD C . -4.43 13.97 -13.17
C5 THD C . -3.23 15.12 -12.89
C4 THD C . -3.38 15.63 -11.57
CM4 THD C . -2.51 16.77 -11.05
C6 THD C . -2.35 15.43 -14.09
C7 THD C . -1.54 14.21 -14.44
O7 THD C . -0.73 14.61 -15.53
PA THD C . 0.12 13.50 -16.20
O1A THD C . 0.68 12.62 -15.17
O2A THD C . 1.08 14.21 -17.06
O3A THD C . -0.88 12.51 -16.95
PB THD C . -1.47 12.74 -18.45
O1B THD C . -0.96 13.92 -19.13
O2B THD C . -1.03 11.38 -19.12
O3B THD C . -3.06 12.84 -18.39
C8 THD C . -6.58 13.45 -11.27
O9 THD C . -7.22 13.81 -10.07
C9 THD C . -6.81 11.98 -11.77
O10 THD C . -6.40 10.94 -10.84
NA NA D . -21.22 9.55 27.13
C1 EDO E . -20.09 -2.85 38.62
O1 EDO E . -20.59 -1.71 37.91
C2 EDO E . -20.50 -4.20 37.98
O2 EDO E . -20.35 -4.14 36.54
C1 EDO F . -12.33 -8.72 39.12
O1 EDO F . -11.82 -10.08 38.97
C2 EDO F . -13.67 -8.55 38.44
O2 EDO F . -13.70 -9.39 37.29
C1 EDO G . -29.49 1.70 -32.82
O1 EDO G . -29.72 2.08 -34.18
C2 EDO G . -30.39 2.54 -31.92
O2 EDO G . -29.63 3.10 -30.82
C1 EDO H . 21.24 14.70 -26.44
O1 EDO H . 21.70 13.62 -25.61
C2 EDO H . 19.83 14.36 -26.93
O2 EDO H . 19.84 13.00 -27.35
C1 EDO I . -27.76 -0.54 -19.94
O1 EDO I . -26.84 0.33 -20.60
C2 EDO I . -29.06 -0.35 -20.71
O2 EDO I . -28.88 -0.99 -22.00
C1 EDO J . -16.09 1.20 -3.48
O1 EDO J . -17.08 0.29 -3.04
C2 EDO J . -16.67 1.97 -4.64
O2 EDO J . -15.83 1.58 -5.75
C1 EDO K . -0.06 18.10 -32.43
O1 EDO K . -1.35 18.73 -32.59
C2 EDO K . 0.91 19.23 -32.55
O2 EDO K . 1.00 19.88 -31.27
C1 EDO L . 8.09 17.68 -29.35
O1 EDO L . 8.52 17.46 -30.71
C2 EDO L . 7.98 19.16 -29.02
O2 EDO L . 7.36 19.32 -27.69
C1 EDO M . 6.86 7.58 46.21
O1 EDO M . 7.56 6.41 45.87
C2 EDO M . 5.93 7.75 45.05
O2 EDO M . 4.66 7.89 45.67
C1 EDO N . 25.98 -2.60 6.86
O1 EDO N . 25.05 -3.71 6.84
C2 EDO N . 26.04 -2.01 5.43
O2 EDO N . 26.34 -3.10 4.53
C1 EDO O . -15.53 4.11 12.39
O1 EDO O . -15.81 2.70 12.26
C2 EDO O . -16.42 4.76 13.41
O2 EDO O . -17.46 5.35 12.64
O1 2PE P . -12.80 25.94 -18.90
C2 2PE P . -12.32 25.27 -17.70
C3 2PE P . -12.03 23.77 -17.89
O4 2PE P . -10.94 23.38 -16.97
C5 2PE P . -10.92 22.08 -16.29
C6 2PE P . -10.82 21.94 -14.75
O7 2PE P . -11.65 20.79 -14.23
C8 2PE P . -13.10 21.09 -14.06
C9 2PE P . -14.09 19.89 -14.01
O10 2PE P . -15.42 20.05 -13.33
C11 2PE P . -15.50 19.59 -11.94
C12 2PE P . -16.95 19.54 -11.35
O13 2PE P . -18.02 19.34 -12.36
C14 2PE P . -18.25 18.00 -12.90
C15 2PE P . -19.59 17.73 -13.67
O16 2PE P . -20.31 18.94 -14.06
C17 2PE P . -21.61 19.37 -13.59
C18 2PE P . -21.77 20.84 -14.16
O19 2PE P . -21.10 21.89 -13.34
C20 2PE P . -20.35 22.94 -14.01
C21 2PE P . -18.86 22.56 -14.06
O22 2PE P . -18.28 22.55 -15.38
C23 2PE P . -18.41 21.39 -16.22
C24 2PE P . -18.88 21.77 -17.66
O25 2PE P . -20.22 21.26 -17.95
C26 2PE P . -20.87 21.71 -19.18
C27 2PE P . -21.60 23.06 -19.04
O28 2PE P . -21.75 23.53 -17.67
#